data_2HTT
# 
_entry.id   2HTT 
# 
_audit_conform.dict_name       mmcif_pdbx.dic 
_audit_conform.dict_version    5.389 
_audit_conform.dict_location   http://mmcif.pdb.org/dictionaries/ascii/mmcif_pdbx.dic 
# 
loop_
_database_2.database_id 
_database_2.database_code 
_database_2.pdbx_database_accession 
_database_2.pdbx_DOI 
PDB   2HTT         pdb_00002htt 10.2210/pdb2htt/pdb 
NDB   ZD0018       ?            ?                   
RCSB  RCSB038752   ?            ?                   
WWPDB D_1000038752 ?            ?                   
# 
loop_
_pdbx_audit_revision_history.ordinal 
_pdbx_audit_revision_history.data_content_type 
_pdbx_audit_revision_history.major_revision 
_pdbx_audit_revision_history.minor_revision 
_pdbx_audit_revision_history.revision_date 
1 'Structure model' 1 0 2006-08-08 
2 'Structure model' 1 1 2008-05-01 
3 'Structure model' 1 2 2011-07-13 
4 'Structure model' 1 3 2024-03-13 
5 'Structure model' 1 4 2024-04-03 
# 
_pdbx_audit_revision_details.ordinal             1 
_pdbx_audit_revision_details.revision_ordinal    1 
_pdbx_audit_revision_details.data_content_type   'Structure model' 
_pdbx_audit_revision_details.provider            repository 
_pdbx_audit_revision_details.type                'Initial release' 
_pdbx_audit_revision_details.description         ? 
_pdbx_audit_revision_details.details             ? 
# 
loop_
_pdbx_audit_revision_group.ordinal 
_pdbx_audit_revision_group.revision_ordinal 
_pdbx_audit_revision_group.data_content_type 
_pdbx_audit_revision_group.group 
1 2 'Structure model' 'Version format compliance' 
2 3 'Structure model' 'Version format compliance' 
3 4 'Structure model' 'Data collection'           
4 4 'Structure model' 'Database references'       
5 4 'Structure model' 'Derived calculations'      
6 5 'Structure model' 'Refinement description'    
# 
loop_
_pdbx_audit_revision_category.ordinal 
_pdbx_audit_revision_category.revision_ordinal 
_pdbx_audit_revision_category.data_content_type 
_pdbx_audit_revision_category.category 
1 4 'Structure model' chem_comp_atom                
2 4 'Structure model' chem_comp_bond                
3 4 'Structure model' database_2                    
4 4 'Structure model' struct_site                   
5 5 'Structure model' pdbx_initial_refinement_model 
# 
loop_
_pdbx_audit_revision_item.ordinal 
_pdbx_audit_revision_item.revision_ordinal 
_pdbx_audit_revision_item.data_content_type 
_pdbx_audit_revision_item.item 
1 4 'Structure model' '_database_2.pdbx_DOI'                
2 4 'Structure model' '_database_2.pdbx_database_accession' 
3 4 'Structure model' '_struct_site.pdbx_auth_asym_id'      
4 4 'Structure model' '_struct_site.pdbx_auth_comp_id'      
5 4 'Structure model' '_struct_site.pdbx_auth_seq_id'       
# 
_pdbx_database_status.status_code                     REL 
_pdbx_database_status.entry_id                        2HTT 
_pdbx_database_status.recvd_initial_deposition_date   2006-07-26 
_pdbx_database_status.deposit_site                    RCSB 
_pdbx_database_status.process_site                    PDBJ 
_pdbx_database_status.status_code_sf                  REL 
_pdbx_database_status.status_code_mr                  ? 
_pdbx_database_status.SG_entry                        ? 
_pdbx_database_status.pdb_format_compatible           Y 
_pdbx_database_status.status_code_cs                  ? 
_pdbx_database_status.status_code_nmr_data            ? 
_pdbx_database_status.methods_development_category    ? 
# 
_pdbx_database_related.db_name        PDB 
_pdbx_database_related.db_id          2HTO 
_pdbx_database_related.details        'The same NA in other space group' 
_pdbx_database_related.content_type   unspecified 
# 
loop_
_audit_author.name 
_audit_author.pdbx_ordinal 
'Bharanidharan, D.' 1 
'Thiyagarajan, S.'  2 
'Gautham, N.'       3 
# 
_citation.id                        primary 
_citation.title                     'Hexammineruthenium(III) ion interactions with Z-DNA' 
_citation.journal_abbrev            'Acta Crystallogr.,Sect.F' 
_citation.journal_volume            63 
_citation.page_first                1008 
_citation.page_last                 1013 
_citation.year                      2007 
_citation.journal_id_ASTM           ? 
_citation.country                   DK 
_citation.journal_id_ISSN           1744-3091 
_citation.journal_id_CSD            ? 
_citation.book_publisher            ? 
_citation.pdbx_database_id_PubMed   18084080 
_citation.pdbx_database_id_DOI      10.1107/S1744309107047781 
# 
loop_
_citation_author.citation_id 
_citation_author.name 
_citation_author.ordinal 
_citation_author.identifier_ORCID 
primary 'Bharanidharan, D.' 1 ? 
primary 'Thiyagarajan, S.'  2 ? 
primary 'Gautham, N.'       3 ? 
# 
loop_
_entity.id 
_entity.type 
_entity.src_method 
_entity.pdbx_description 
_entity.formula_weight 
_entity.pdbx_number_of_molecules 
_entity.pdbx_ec 
_entity.pdbx_mutation 
_entity.pdbx_fragment 
_entity.details 
1 polymer     syn 
;DNA (5'-D(*DTP*DGP*DCP*DGP*DCP*DG)-3')
;
1825.216 1  ? ? ? ? 
2 polymer     syn 
;DNA (5'-D(*DCP*DGP*DCP*DGP*DCP*DA)-3')
;
1794.206 1  ? ? ? ? 
3 polymer     syn 
;DNA (5'-D(P*DTP*DG)-3')
;
588.441  2  ? ? ? ? 
4 non-polymer syn 'RUTHENIUM (III) HEXAAMINE ION'          203.253  1  ? ? ? ? 
5 water       nat water                                    18.015   12 ? ? ? ? 
# 
loop_
_entity_poly.entity_id 
_entity_poly.type 
_entity_poly.nstd_linkage 
_entity_poly.nstd_monomer 
_entity_poly.pdbx_seq_one_letter_code 
_entity_poly.pdbx_seq_one_letter_code_can 
_entity_poly.pdbx_strand_id 
_entity_poly.pdbx_target_identifier 
1 polydeoxyribonucleotide no no '(DT)(DG)(DC)(DG)(DC)(DG)' TGCGCG A   ? 
2 polydeoxyribonucleotide no no '(DC)(DG)(DC)(DG)(DC)(DA)' CGCGCA B   ? 
3 polydeoxyribonucleotide no no '(DT)(DG)'                 TG     D,E ? 
# 
loop_
_pdbx_entity_nonpoly.entity_id 
_pdbx_entity_nonpoly.name 
_pdbx_entity_nonpoly.comp_id 
4 'RUTHENIUM (III) HEXAAMINE ION' NRU 
5 water                           HOH 
# 
loop_
_entity_poly_seq.entity_id 
_entity_poly_seq.num 
_entity_poly_seq.mon_id 
_entity_poly_seq.hetero 
1 1 DT n 
1 2 DG n 
1 3 DC n 
1 4 DG n 
1 5 DC n 
1 6 DG n 
2 1 DC n 
2 2 DG n 
2 3 DC n 
2 4 DG n 
2 5 DC n 
2 6 DA n 
3 1 DT n 
3 2 DG n 
# 
loop_
_chem_comp.id 
_chem_comp.type 
_chem_comp.mon_nstd_flag 
_chem_comp.name 
_chem_comp.pdbx_synonyms 
_chem_comp.formula 
_chem_comp.formula_weight 
DA  'DNA linking' y "2'-DEOXYADENOSINE-5'-MONOPHOSPHATE" ?                  'C10 H14 N5 O6 P' 331.222 
DC  'DNA linking' y "2'-DEOXYCYTIDINE-5'-MONOPHOSPHATE"  ?                  'C9 H14 N3 O7 P'  307.197 
DG  'DNA linking' y "2'-DEOXYGUANOSINE-5'-MONOPHOSPHATE" ?                  'C10 H14 N5 O7 P' 347.221 
DT  'DNA linking' y "THYMIDINE-5'-MONOPHOSPHATE"         ?                  'C10 H15 N2 O8 P' 322.208 
HOH non-polymer   . WATER                                ?                  'H2 O'            18.015  
NRU non-polymer   . 'RUTHENIUM (III) HEXAAMINE ION'      HEXAAMINORUTHENIUM 'H18 N6 Ru 3'     203.253 
# 
loop_
_pdbx_poly_seq_scheme.asym_id 
_pdbx_poly_seq_scheme.entity_id 
_pdbx_poly_seq_scheme.seq_id 
_pdbx_poly_seq_scheme.mon_id 
_pdbx_poly_seq_scheme.ndb_seq_num 
_pdbx_poly_seq_scheme.pdb_seq_num 
_pdbx_poly_seq_scheme.auth_seq_num 
_pdbx_poly_seq_scheme.pdb_mon_id 
_pdbx_poly_seq_scheme.auth_mon_id 
_pdbx_poly_seq_scheme.pdb_strand_id 
_pdbx_poly_seq_scheme.pdb_ins_code 
_pdbx_poly_seq_scheme.hetero 
A 1 1 DT 1 1  1  DT T A . n 
A 1 2 DG 2 2  2  DG G A . n 
A 1 3 DC 3 3  3  DC C A . n 
A 1 4 DG 4 4  4  DG G A . n 
A 1 5 DC 5 5  5  DC C A . n 
A 1 6 DG 6 6  6  DG G A . n 
B 2 1 DC 1 7  7  DC C B . n 
B 2 2 DG 2 8  8  DG G B . n 
B 2 3 DC 3 9  9  DC C B . n 
B 2 4 DG 4 10 10 DG G B . n 
B 2 5 DC 5 11 11 DC C B . n 
B 2 6 DA 6 12 12 DA A B . n 
C 3 1 DT 1 13 13 DT T D . n 
C 3 2 DG 2 14 14 DG G D . n 
D 3 1 DT 1 15 15 DT T E . n 
D 3 2 DG 2 16 16 DG G E . n 
# 
loop_
_pdbx_nonpoly_scheme.asym_id 
_pdbx_nonpoly_scheme.entity_id 
_pdbx_nonpoly_scheme.mon_id 
_pdbx_nonpoly_scheme.ndb_seq_num 
_pdbx_nonpoly_scheme.pdb_seq_num 
_pdbx_nonpoly_scheme.auth_seq_num 
_pdbx_nonpoly_scheme.pdb_mon_id 
_pdbx_nonpoly_scheme.auth_mon_id 
_pdbx_nonpoly_scheme.pdb_strand_id 
_pdbx_nonpoly_scheme.pdb_ins_code 
E 4 NRU 1 17 17 NRU NRU E . 
F 5 HOH 1 18 18 HOH HOH A . 
F 5 HOH 2 19 19 HOH HOH A . 
F 5 HOH 3 21 21 HOH HOH A . 
F 5 HOH 4 23 23 HOH HOH A . 
F 5 HOH 5 28 28 HOH HOH A . 
G 5 HOH 1 22 22 HOH HOH B . 
G 5 HOH 2 24 24 HOH HOH B . 
G 5 HOH 3 25 25 HOH HOH B . 
G 5 HOH 4 26 26 HOH HOH B . 
G 5 HOH 5 27 27 HOH HOH B . 
G 5 HOH 6 29 29 HOH HOH B . 
H 5 HOH 1 20 20 HOH HOH E . 
# 
loop_
_software.name 
_software.classification 
_software.version 
_software.citation_id 
_software.pdbx_ordinal 
REFMAC  refinement       5.2.0019 ? 1 
AUTOMAR 'data reduction' .        ? 2 
AMoRE   phasing          .        ? 3 
# 
_cell.entry_id           2HTT 
_cell.length_a           35.895 
_cell.length_b           35.895 
_cell.length_c           44.604 
_cell.angle_alpha        90.00 
_cell.angle_beta         90.00 
_cell.angle_gamma        120.00 
_cell.Z_PDB              12 
_cell.pdbx_unique_axis   ? 
_cell.length_a_esd       ? 
_cell.length_b_esd       ? 
_cell.length_c_esd       ? 
_cell.angle_alpha_esd    ? 
_cell.angle_beta_esd     ? 
_cell.angle_gamma_esd    ? 
# 
_symmetry.entry_id                         2HTT 
_symmetry.space_group_name_H-M             'P 65' 
_symmetry.pdbx_full_space_group_name_H-M   ? 
_symmetry.cell_setting                     ? 
_symmetry.Int_Tables_number                170 
_symmetry.space_group_name_Hall            ? 
# 
_exptl.entry_id          2HTT 
_exptl.method            'X-RAY DIFFRACTION' 
_exptl.crystals_number   1 
# 
_exptl_crystal.id                    1 
_exptl_crystal.density_meas          ? 
_exptl_crystal.density_Matthews      1.729460 
_exptl_crystal.density_percent_sol   51.41 
_exptl_crystal.description           ? 
_exptl_crystal.F_000                 ? 
_exptl_crystal.preparation           ? 
# 
_exptl_crystal_grow.crystal_id      1 
_exptl_crystal_grow.method          'VAPOR DIFFUSION, HANGING DROP' 
_exptl_crystal_grow.temp            293 
_exptl_crystal_grow.temp_details    ? 
_exptl_crystal_grow.pH              6.9 
_exptl_crystal_grow.pdbx_details    
'MPD, sodium cacodylate, ruthenium hexammine chloride, spermine, pH 6.9, VAPOR DIFFUSION, HANGING DROP, temperature 293K' 
_exptl_crystal_grow.pdbx_pH_range   . 
# 
loop_
_exptl_crystal_grow_comp.crystal_id 
_exptl_crystal_grow_comp.id 
_exptl_crystal_grow_comp.sol_id 
_exptl_crystal_grow_comp.name 
_exptl_crystal_grow_comp.volume 
_exptl_crystal_grow_comp.conc 
_exptl_crystal_grow_comp.details 
1 1 1 MPD                            ? ? ? 
1 2 1 'sodium cacodylate'            ? ? ? 
1 3 1 'ruthenium hexammine chloride' ? ? ? 
1 4 1 spermine                       ? ? ? 
1 5 1 H2O                            ? ? ? 
1 6 2 MPD                            ? ? ? 
1 7 2 'sodium cacodylate'            ? ? ? 
1 8 2 'ruthenium hexammine chloride' ? ? ? 
1 9 2 H2O                            ? ? ? 
# 
_diffrn.id                     1 
_diffrn.ambient_temp           293 
_diffrn.ambient_temp_details   ? 
_diffrn.crystal_id             1 
# 
_diffrn_detector.diffrn_id              1 
_diffrn_detector.detector               'IMAGE PLATE' 
_diffrn_detector.type                   MARRESEARCH 
_diffrn_detector.pdbx_collection_date   2005-02-25 
_diffrn_detector.details                ? 
# 
_diffrn_radiation.diffrn_id                        1 
_diffrn_radiation.wavelength_id                    1 
_diffrn_radiation.pdbx_monochromatic_or_laue_m_l   M 
_diffrn_radiation.monochromator                    NIL 
_diffrn_radiation.pdbx_diffrn_protocol             'SINGLE WAVELENGTH' 
_diffrn_radiation.pdbx_scattering_type             x-ray 
# 
_diffrn_radiation_wavelength.id           1 
_diffrn_radiation_wavelength.wavelength   1.5418 
_diffrn_radiation_wavelength.wt           1.0 
# 
_diffrn_source.diffrn_id                   1 
_diffrn_source.source                      'ROTATING ANODE' 
_diffrn_source.type                        'RIGAKU RU300' 
_diffrn_source.pdbx_synchrotron_site       ? 
_diffrn_source.pdbx_synchrotron_beamline   ? 
_diffrn_source.pdbx_wavelength             ? 
_diffrn_source.pdbx_wavelength_list        1.5418 
# 
_reflns.entry_id                     2HTT 
_reflns.observed_criterion_sigma_F   0.0 
_reflns.observed_criterion_sigma_I   0.0 
_reflns.d_resolution_high            2.60 
_reflns.d_resolution_low             31.16 
_reflns.number_all                   1207 
_reflns.number_obs                   1207 
_reflns.percent_possible_obs         93 
_reflns.pdbx_Rmerge_I_obs            0.0873 
_reflns.pdbx_Rsym_value              ? 
_reflns.pdbx_netI_over_sigmaI        4.5 
_reflns.B_iso_Wilson_estimate        ? 
_reflns.pdbx_redundancy              2.43 
_reflns.R_free_details               ? 
_reflns.pdbx_chi_squared             ? 
_reflns.pdbx_scaling_rejects         ? 
_reflns.pdbx_diffrn_id               1 
_reflns.pdbx_ordinal                 1 
# 
_reflns_shell.d_res_high             2.60 
_reflns_shell.d_res_low              2.69 
_reflns_shell.percent_possible_all   94.8 
_reflns_shell.Rmerge_I_obs           0.263 
_reflns_shell.pdbx_Rsym_value        ? 
_reflns_shell.meanI_over_sigI_obs    1.6 
_reflns_shell.pdbx_redundancy        2.45 
_reflns_shell.percent_possible_obs   ? 
_reflns_shell.number_unique_all      181 
_reflns_shell.number_measured_all    ? 
_reflns_shell.number_measured_obs    ? 
_reflns_shell.number_unique_obs      ? 
_reflns_shell.pdbx_chi_squared       ? 
_reflns_shell.pdbx_diffrn_id         ? 
_reflns_shell.pdbx_ordinal           1 
# 
_refine.entry_id                                 2HTT 
_refine.ls_number_reflns_obs                     902 
_refine.ls_number_reflns_all                     989 
_refine.pdbx_ls_sigma_I                          0.0 
_refine.pdbx_ls_sigma_F                          0.0 
_refine.pdbx_data_cutoff_high_absF               ? 
_refine.pdbx_data_cutoff_low_absF                ? 
_refine.pdbx_data_cutoff_high_rms_absF           ? 
_refine.ls_d_res_low                             15.0 
_refine.ls_d_res_high                            2.60 
_refine.ls_percent_reflns_obs                    96.49 
_refine.ls_R_factor_obs                          0.26665 
_refine.ls_R_factor_all                          0.295 
_refine.ls_R_factor_R_work                       0.2579 
_refine.ls_R_factor_R_free                       0.36371 
_refine.ls_R_factor_R_free_error                 ? 
_refine.ls_R_factor_R_free_error_details         ? 
_refine.ls_percent_reflns_R_free                 8.8 
_refine.ls_number_reflns_R_free                  87 
_refine.ls_number_parameters                     ? 
_refine.ls_number_restraints                     ? 
_refine.occupancy_min                            ? 
_refine.occupancy_max                            ? 
_refine.correlation_coeff_Fo_to_Fc               0.917 
_refine.correlation_coeff_Fo_to_Fc_free          0.864 
_refine.B_iso_mean                               9.391 
_refine.aniso_B[1][1]                            0.14 
_refine.aniso_B[2][2]                            0.14 
_refine.aniso_B[3][3]                            -0.21 
_refine.aniso_B[1][2]                            0.07 
_refine.aniso_B[1][3]                            0.00 
_refine.aniso_B[2][3]                            0.00 
_refine.solvent_model_details                    MASK 
_refine.solvent_model_param_ksol                 ? 
_refine.solvent_model_param_bsol                 ? 
_refine.pdbx_solvent_vdw_probe_radii             1.40 
_refine.pdbx_solvent_ion_probe_radii             0.80 
_refine.pdbx_solvent_shrinkage_radii             0.80 
_refine.pdbx_ls_cross_valid_method               THROUGHOUT 
_refine.details                                  ? 
_refine.pdbx_starting_model                      'NDB ENTRY ZD0014' 
_refine.pdbx_method_to_determine_struct          'MOLECULAR REPLACEMENT' 
_refine.pdbx_isotropic_thermal_model             Isotropic 
_refine.pdbx_stereochemistry_target_values       'MAXIMUM LIKELIHOOD' 
_refine.pdbx_stereochem_target_val_spec_case     ? 
_refine.pdbx_R_Free_selection_details            RANDOM 
_refine.pdbx_overall_ESU_R                       ? 
_refine.pdbx_overall_ESU_R_Free                  0.609 
_refine.overall_SU_ML                            0.425 
_refine.overall_SU_B                             19.976 
_refine.ls_redundancy_reflns_obs                 ? 
_refine.overall_SU_R_Cruickshank_DPI             ? 
_refine.overall_SU_R_free                        ? 
_refine.ls_wR_factor_R_free                      ? 
_refine.ls_wR_factor_R_work                      ? 
_refine.overall_FOM_free_R_set                   ? 
_refine.overall_FOM_work_R_set                   ? 
_refine.pdbx_refine_id                           'X-RAY DIFFRACTION' 
_refine.pdbx_overall_phase_error                 ? 
_refine.pdbx_diffrn_id                           1 
_refine.pdbx_TLS_residual_ADP_flag               ? 
_refine.pdbx_overall_SU_R_free_Cruickshank_DPI   ? 
_refine.pdbx_overall_SU_R_Blow_DPI               ? 
_refine.pdbx_overall_SU_R_free_Blow_DPI          ? 
# 
_refine_hist.pdbx_refine_id                   'X-RAY DIFFRACTION' 
_refine_hist.cycle_id                         LAST 
_refine_hist.pdbx_number_atoms_protein        0 
_refine_hist.pdbx_number_atoms_nucleic_acid   324 
_refine_hist.pdbx_number_atoms_ligand         7 
_refine_hist.number_atoms_solvent             12 
_refine_hist.number_atoms_total               343 
_refine_hist.d_res_high                       2.60 
_refine_hist.d_res_low                        15.0 
# 
loop_
_refine_ls_restr.type 
_refine_ls_restr.dev_ideal 
_refine_ls_restr.dev_ideal_target 
_refine_ls_restr.weight 
_refine_ls_restr.number 
_refine_ls_restr.pdbx_refine_id 
_refine_ls_restr.pdbx_restraint_function 
r_bond_refined_d             0.011 0.021 ? 366 'X-RAY DIFFRACTION' ? 
r_bond_other_d               ?     ?     ? ?   'X-RAY DIFFRACTION' ? 
r_angle_refined_deg          2.141 3.000 ? 563 'X-RAY DIFFRACTION' ? 
r_angle_other_deg            ?     ?     ? ?   'X-RAY DIFFRACTION' ? 
r_dihedral_angle_1_deg       ?     ?     ? ?   'X-RAY DIFFRACTION' ? 
r_dihedral_angle_2_deg       ?     ?     ? ?   'X-RAY DIFFRACTION' ? 
r_dihedral_angle_3_deg       ?     ?     ? ?   'X-RAY DIFFRACTION' ? 
r_dihedral_angle_4_deg       ?     ?     ? ?   'X-RAY DIFFRACTION' ? 
r_chiral_restr               0.075 0.200 ? 62  'X-RAY DIFFRACTION' ? 
r_gen_planes_refined         0.005 0.020 ? 167 'X-RAY DIFFRACTION' ? 
r_gen_planes_other           ?     ?     ? ?   'X-RAY DIFFRACTION' ? 
r_nbd_refined                0.213 0.200 ? 154 'X-RAY DIFFRACTION' ? 
r_nbd_other                  ?     ?     ? ?   'X-RAY DIFFRACTION' ? 
r_nbtor_refined              0.296 0.200 ? 180 'X-RAY DIFFRACTION' ? 
r_nbtor_other                ?     ?     ? ?   'X-RAY DIFFRACTION' ? 
r_xyhbond_nbd_refined        0.201 0.200 ? 14  'X-RAY DIFFRACTION' ? 
r_xyhbond_nbd_other          ?     ?     ? ?   'X-RAY DIFFRACTION' ? 
r_metal_ion_refined          ?     ?     ? ?   'X-RAY DIFFRACTION' ? 
r_metal_ion_other            ?     ?     ? ?   'X-RAY DIFFRACTION' ? 
r_symmetry_vdw_refined       0.307 0.200 ? 38  'X-RAY DIFFRACTION' ? 
r_symmetry_vdw_other         ?     ?     ? ?   'X-RAY DIFFRACTION' ? 
r_symmetry_hbond_refined     0.204 0.200 ? 6   'X-RAY DIFFRACTION' ? 
r_symmetry_hbond_other       ?     ?     ? ?   'X-RAY DIFFRACTION' ? 
r_symmetry_metal_ion_refined ?     ?     ? ?   'X-RAY DIFFRACTION' ? 
r_symmetry_metal_ion_other   ?     ?     ? ?   'X-RAY DIFFRACTION' ? 
r_mcbond_it                  ?     ?     ? ?   'X-RAY DIFFRACTION' ? 
r_mcbond_other               ?     ?     ? ?   'X-RAY DIFFRACTION' ? 
r_mcangle_it                 ?     ?     ? ?   'X-RAY DIFFRACTION' ? 
r_scbond_it                  1.075 3.000 ? 539 'X-RAY DIFFRACTION' ? 
r_scangle_it                 1.885 4.500 ? 560 'X-RAY DIFFRACTION' ? 
r_rigid_bond_restr           ?     ?     ? ?   'X-RAY DIFFRACTION' ? 
r_sphericity_free            ?     ?     ? ?   'X-RAY DIFFRACTION' ? 
r_sphericity_bonded          ?     ?     ? ?   'X-RAY DIFFRACTION' ? 
# 
_refine_ls_shell.pdbx_total_number_of_bins_used   20 
_refine_ls_shell.d_res_high                       2.600 
_refine_ls_shell.d_res_low                        2.667 
_refine_ls_shell.number_reflns_R_work             59 
_refine_ls_shell.R_factor_R_work                  0.358 
_refine_ls_shell.percent_reflns_obs               98.44 
_refine_ls_shell.R_factor_R_free                  0.01 
_refine_ls_shell.R_factor_R_free_error            ? 
_refine_ls_shell.percent_reflns_R_free            ? 
_refine_ls_shell.number_reflns_R_free             4 
_refine_ls_shell.number_reflns_all                ? 
_refine_ls_shell.R_factor_all                     ? 
_refine_ls_shell.number_reflns_obs                ? 
_refine_ls_shell.redundancy_reflns_obs            ? 
_refine_ls_shell.pdbx_refine_id                   'X-RAY DIFFRACTION' 
# 
_struct.entry_id                  2HTT 
_struct.title                     'Ruthenium Hexammine ion interactions with Z-DNA' 
_struct.pdbx_model_details        ? 
_struct.pdbx_CASP_flag            ? 
_struct.pdbx_model_type_details   ? 
# 
_struct_keywords.entry_id        2HTT 
_struct_keywords.pdbx_keywords   DNA 
_struct_keywords.text            'Z-DNA, DOUBLE HELIX, DNA' 
# 
loop_
_struct_asym.id 
_struct_asym.pdbx_blank_PDB_chainid_flag 
_struct_asym.pdbx_modified 
_struct_asym.entity_id 
_struct_asym.details 
A N N 1 ? 
B N N 2 ? 
C N N 3 ? 
D N N 3 ? 
E N N 4 ? 
F N N 5 ? 
G N N 5 ? 
H N N 5 ? 
# 
loop_
_struct_ref.id 
_struct_ref.entity_id 
_struct_ref.db_name 
_struct_ref.db_code 
_struct_ref.pdbx_db_accession 
_struct_ref.pdbx_align_begin 
_struct_ref.pdbx_seq_one_letter_code 
_struct_ref.pdbx_db_isoform 
1 1 PDB 2HTT 2HTT ? ? ? 
2 2 PDB 2HTT 2HTT ? ? ? 
3 3 PDB 2HTT 2HTT ? ? ? 
# 
loop_
_struct_ref_seq.align_id 
_struct_ref_seq.ref_id 
_struct_ref_seq.pdbx_PDB_id_code 
_struct_ref_seq.pdbx_strand_id 
_struct_ref_seq.seq_align_beg 
_struct_ref_seq.pdbx_seq_align_beg_ins_code 
_struct_ref_seq.seq_align_end 
_struct_ref_seq.pdbx_seq_align_end_ins_code 
_struct_ref_seq.pdbx_db_accession 
_struct_ref_seq.db_align_beg 
_struct_ref_seq.pdbx_db_align_beg_ins_code 
_struct_ref_seq.db_align_end 
_struct_ref_seq.pdbx_db_align_end_ins_code 
_struct_ref_seq.pdbx_auth_seq_align_beg 
_struct_ref_seq.pdbx_auth_seq_align_end 
1 1 2HTT A 1 ? 6 ? 2HTT 1  ? 6  ? 1  6  
2 2 2HTT B 1 ? 6 ? 2HTT 7  ? 12 ? 7  12 
3 3 2HTT D 1 ? 2 ? 2HTT 13 ? 14 ? 13 14 
4 3 2HTT E 1 ? 2 ? 2HTT 15 ? 16 ? 15 16 
# 
loop_
_pdbx_struct_assembly.id 
_pdbx_struct_assembly.details 
_pdbx_struct_assembly.method_details 
_pdbx_struct_assembly.oligomeric_details 
_pdbx_struct_assembly.oligomeric_count 
1 software_defined_assembly PISA dimeric   2 
2 author_defined_assembly   ?    hexameric 6 
3 software_defined_assembly PISA dimeric   2 
# 
loop_
_pdbx_struct_assembly_prop.biol_id 
_pdbx_struct_assembly_prop.type 
_pdbx_struct_assembly_prop.value 
_pdbx_struct_assembly_prop.details 
1 'ABSA (A^2)' 820  ? 
1 MORE         -7   ? 
1 'SSA (A^2)'  2490 ? 
3 'ABSA (A^2)' 220  ? 
3 MORE         -5   ? 
3 'SSA (A^2)'  1170 ? 
# 
loop_
_pdbx_struct_assembly_gen.assembly_id 
_pdbx_struct_assembly_gen.oper_expression 
_pdbx_struct_assembly_gen.asym_id_list 
1 1     A,B,F,G 
2 1,2,3 C,D,E,H 
3 1     C,D,E,H 
# 
loop_
_pdbx_struct_oper_list.id 
_pdbx_struct_oper_list.type 
_pdbx_struct_oper_list.name 
_pdbx_struct_oper_list.symmetry_operation 
_pdbx_struct_oper_list.matrix[1][1] 
_pdbx_struct_oper_list.matrix[1][2] 
_pdbx_struct_oper_list.matrix[1][3] 
_pdbx_struct_oper_list.vector[1] 
_pdbx_struct_oper_list.matrix[2][1] 
_pdbx_struct_oper_list.matrix[2][2] 
_pdbx_struct_oper_list.matrix[2][3] 
_pdbx_struct_oper_list.vector[2] 
_pdbx_struct_oper_list.matrix[3][1] 
_pdbx_struct_oper_list.matrix[3][2] 
_pdbx_struct_oper_list.matrix[3][3] 
_pdbx_struct_oper_list.vector[3] 
1 'identity operation'         1_555 x,y,z         1.0000000000  0.0000000000  0.0000000000  0.0000000000  0.0000000000 1.0000000000  0.0000000000 0.0000000000   0.0000000000  0.0000000000  1.0000000000 0.0000000000  
2 'crystal symmetry operation' 3_555 -x+y,-x,z+1/3 -0.3406127340 -0.8606729046 -0.3784509437 25.6115365456 0.7686378550 -0.4867140416 0.4150967231 -8.0227161550  -0.5414598907 -0.1495044918 0.8273267756 -6.1277765366 
3 'crystal symmetry operation' 5_555 y,-x+y,z+1/6  0.5531290887  -0.8299945547 -0.0718139989 10.7936657143 0.7993162049 0.5044286528  0.3265659794 -10.3895917417 -0.2348229459 -0.2380352356 0.9424422585 -3.1230092157  
# 
loop_
_struct_biol.id 
_struct_biol.details 
_struct_biol.pdbx_parent_biol_id 
1 ? ? 
2 ? ? 
3 ? ? 
4 ? ? 
# 
loop_
_struct_conn.id 
_struct_conn.conn_type_id 
_struct_conn.pdbx_leaving_atom_flag 
_struct_conn.pdbx_PDB_id 
_struct_conn.ptnr1_label_asym_id 
_struct_conn.ptnr1_label_comp_id 
_struct_conn.ptnr1_label_seq_id 
_struct_conn.ptnr1_label_atom_id 
_struct_conn.pdbx_ptnr1_label_alt_id 
_struct_conn.pdbx_ptnr1_PDB_ins_code 
_struct_conn.pdbx_ptnr1_standard_comp_id 
_struct_conn.ptnr1_symmetry 
_struct_conn.ptnr2_label_asym_id 
_struct_conn.ptnr2_label_comp_id 
_struct_conn.ptnr2_label_seq_id 
_struct_conn.ptnr2_label_atom_id 
_struct_conn.pdbx_ptnr2_label_alt_id 
_struct_conn.pdbx_ptnr2_PDB_ins_code 
_struct_conn.ptnr1_auth_asym_id 
_struct_conn.ptnr1_auth_comp_id 
_struct_conn.ptnr1_auth_seq_id 
_struct_conn.ptnr2_auth_asym_id 
_struct_conn.ptnr2_auth_comp_id 
_struct_conn.ptnr2_auth_seq_id 
_struct_conn.ptnr2_symmetry 
_struct_conn.pdbx_ptnr3_label_atom_id 
_struct_conn.pdbx_ptnr3_label_seq_id 
_struct_conn.pdbx_ptnr3_label_comp_id 
_struct_conn.pdbx_ptnr3_label_asym_id 
_struct_conn.pdbx_ptnr3_label_alt_id 
_struct_conn.pdbx_ptnr3_PDB_ins_code 
_struct_conn.details 
_struct_conn.pdbx_dist_value 
_struct_conn.pdbx_value_order 
_struct_conn.pdbx_role 
hydrog1  hydrog ? ? A DT 1 N3 ? ? ? 1_555 B DA 6 N1 ? ? A DT 1  B DA 12 1_555 ? ? ? ? ? ? WATSON-CRICK    ? ? ? 
hydrog2  hydrog ? ? A DT 1 O4 ? ? ? 1_555 B DA 6 N6 ? ? A DT 1  B DA 12 1_555 ? ? ? ? ? ? WATSON-CRICK    ? ? ? 
hydrog3  hydrog ? ? A DG 2 N1 ? ? ? 1_555 B DC 5 N3 ? ? A DG 2  B DC 11 1_555 ? ? ? ? ? ? WATSON-CRICK    ? ? ? 
hydrog4  hydrog ? ? A DG 2 N2 ? ? ? 1_555 B DC 5 O2 ? ? A DG 2  B DC 11 1_555 ? ? ? ? ? ? WATSON-CRICK    ? ? ? 
hydrog5  hydrog ? ? A DG 2 O6 ? ? ? 1_555 B DC 5 N4 ? ? A DG 2  B DC 11 1_555 ? ? ? ? ? ? WATSON-CRICK    ? ? ? 
hydrog6  hydrog ? ? A DC 3 N3 ? ? ? 1_555 B DG 4 N1 ? ? A DC 3  B DG 10 1_555 ? ? ? ? ? ? WATSON-CRICK    ? ? ? 
hydrog7  hydrog ? ? A DC 3 N4 ? ? ? 1_555 B DG 4 O6 ? ? A DC 3  B DG 10 1_555 ? ? ? ? ? ? WATSON-CRICK    ? ? ? 
hydrog8  hydrog ? ? A DC 3 O2 ? ? ? 1_555 B DG 4 N2 ? ? A DC 3  B DG 10 1_555 ? ? ? ? ? ? WATSON-CRICK    ? ? ? 
hydrog9  hydrog ? ? A DG 4 N1 ? ? ? 1_555 B DC 3 N3 ? ? A DG 4  B DC 9  1_555 ? ? ? ? ? ? WATSON-CRICK    ? ? ? 
hydrog10 hydrog ? ? A DG 4 N2 ? ? ? 1_555 B DC 3 O2 ? ? A DG 4  B DC 9  1_555 ? ? ? ? ? ? WATSON-CRICK    ? ? ? 
hydrog11 hydrog ? ? A DG 4 O6 ? ? ? 1_555 B DC 3 N4 ? ? A DG 4  B DC 9  1_555 ? ? ? ? ? ? WATSON-CRICK    ? ? ? 
hydrog12 hydrog ? ? A DC 5 N3 ? ? ? 1_555 B DG 2 N1 ? ? A DC 5  B DG 8  1_555 ? ? ? ? ? ? WATSON-CRICK    ? ? ? 
hydrog13 hydrog ? ? A DC 5 N4 ? ? ? 1_555 B DG 2 O6 ? ? A DC 5  B DG 8  1_555 ? ? ? ? ? ? WATSON-CRICK    ? ? ? 
hydrog14 hydrog ? ? A DC 5 O2 ? ? ? 1_555 B DG 2 N2 ? ? A DC 5  B DG 8  1_555 ? ? ? ? ? ? WATSON-CRICK    ? ? ? 
hydrog15 hydrog ? ? A DG 6 N1 ? ? ? 1_555 B DC 1 N3 ? ? A DG 6  B DC 7  1_555 ? ? ? ? ? ? WATSON-CRICK    ? ? ? 
hydrog16 hydrog ? ? A DG 6 N2 ? ? ? 1_555 B DC 1 O2 ? ? A DG 6  B DC 7  1_555 ? ? ? ? ? ? WATSON-CRICK    ? ? ? 
hydrog17 hydrog ? ? A DG 6 O6 ? ? ? 1_555 B DC 1 N4 ? ? A DG 6  B DC 7  1_555 ? ? ? ? ? ? WATSON-CRICK    ? ? ? 
hydrog18 hydrog ? ? C DT 1 N3 ? ? ? 1_555 D DG 2 O6 ? ? D DT 13 E DG 16 1_555 ? ? ? ? ? ? TYPE_28_PAIR    ? ? ? 
hydrog19 hydrog ? ? C DT 1 O2 ? ? ? 1_555 D DG 2 N1 ? ? D DT 13 E DG 16 1_555 ? ? ? ? ? ? TYPE_28_PAIR    ? ? ? 
hydrog20 hydrog ? ? C DG 2 N2 ? ? ? 1_555 D DT 1 O2 ? ? D DG 14 E DT 15 1_555 ? ? ? ? ? ? 'DG-DT MISPAIR' ? ? ? 
# 
_struct_conn_type.id          hydrog 
_struct_conn_type.criteria    ? 
_struct_conn_type.reference   ? 
# 
_struct_site.id                   AC1 
_struct_site.pdbx_evidence_code   Software 
_struct_site.pdbx_auth_asym_id    E 
_struct_site.pdbx_auth_comp_id    NRU 
_struct_site.pdbx_auth_seq_id     17 
_struct_site.pdbx_auth_ins_code   ? 
_struct_site.pdbx_num_residues    6 
_struct_site.details              'BINDING SITE FOR RESIDUE NRU E 17' 
# 
loop_
_struct_site_gen.id 
_struct_site_gen.site_id 
_struct_site_gen.pdbx_num_res 
_struct_site_gen.label_comp_id 
_struct_site_gen.label_asym_id 
_struct_site_gen.label_seq_id 
_struct_site_gen.pdbx_auth_ins_code 
_struct_site_gen.auth_comp_id 
_struct_site_gen.auth_asym_id 
_struct_site_gen.auth_seq_id 
_struct_site_gen.label_atom_id 
_struct_site_gen.label_alt_id 
_struct_site_gen.symmetry 
_struct_site_gen.details 
1 AC1 6 DT A 1 ? DT A 1  . ? 1_555 ? 
2 AC1 6 DG A 6 ? DG A 6  . ? 4_565 ? 
3 AC1 6 DA B 6 ? DA B 12 . ? 1_555 ? 
4 AC1 6 DG C 2 ? DG D 14 . ? 5_555 ? 
5 AC1 6 DT D 1 ? DT E 15 . ? 1_555 ? 
6 AC1 6 DG D 2 ? DG E 16 . ? 1_555 ? 
# 
loop_
_pdbx_validate_rmsd_angle.id 
_pdbx_validate_rmsd_angle.PDB_model_num 
_pdbx_validate_rmsd_angle.auth_atom_id_1 
_pdbx_validate_rmsd_angle.auth_asym_id_1 
_pdbx_validate_rmsd_angle.auth_comp_id_1 
_pdbx_validate_rmsd_angle.auth_seq_id_1 
_pdbx_validate_rmsd_angle.PDB_ins_code_1 
_pdbx_validate_rmsd_angle.label_alt_id_1 
_pdbx_validate_rmsd_angle.auth_atom_id_2 
_pdbx_validate_rmsd_angle.auth_asym_id_2 
_pdbx_validate_rmsd_angle.auth_comp_id_2 
_pdbx_validate_rmsd_angle.auth_seq_id_2 
_pdbx_validate_rmsd_angle.PDB_ins_code_2 
_pdbx_validate_rmsd_angle.label_alt_id_2 
_pdbx_validate_rmsd_angle.auth_atom_id_3 
_pdbx_validate_rmsd_angle.auth_asym_id_3 
_pdbx_validate_rmsd_angle.auth_comp_id_3 
_pdbx_validate_rmsd_angle.auth_seq_id_3 
_pdbx_validate_rmsd_angle.PDB_ins_code_3 
_pdbx_validate_rmsd_angle.label_alt_id_3 
_pdbx_validate_rmsd_angle.angle_value 
_pdbx_validate_rmsd_angle.angle_target_value 
_pdbx_validate_rmsd_angle.angle_deviation 
_pdbx_validate_rmsd_angle.angle_standard_deviation 
_pdbx_validate_rmsd_angle.linker_flag 
1 1 "O4'" A DT 1 ? ? "C1'" A DT 1 ? ? N1 A DT 1 ? ? 110.36 108.30 2.06 0.30 N 
2 1 "O4'" A DC 5 ? ? "C1'" A DC 5 ? ? N1 A DC 5 ? ? 110.19 108.30 1.89 0.30 N 
3 1 "O4'" B DC 9 ? ? "C1'" B DC 9 ? ? N1 B DC 9 ? ? 110.38 108.30 2.08 0.30 N 
# 
loop_
_chem_comp_atom.comp_id 
_chem_comp_atom.atom_id 
_chem_comp_atom.type_symbol 
_chem_comp_atom.pdbx_aromatic_flag 
_chem_comp_atom.pdbx_stereo_config 
_chem_comp_atom.pdbx_ordinal 
DA  OP3    O  N N 1   
DA  P      P  N N 2   
DA  OP1    O  N N 3   
DA  OP2    O  N N 4   
DA  "O5'"  O  N N 5   
DA  "C5'"  C  N N 6   
DA  "C4'"  C  N R 7   
DA  "O4'"  O  N N 8   
DA  "C3'"  C  N S 9   
DA  "O3'"  O  N N 10  
DA  "C2'"  C  N N 11  
DA  "C1'"  C  N R 12  
DA  N9     N  Y N 13  
DA  C8     C  Y N 14  
DA  N7     N  Y N 15  
DA  C5     C  Y N 16  
DA  C6     C  Y N 17  
DA  N6     N  N N 18  
DA  N1     N  Y N 19  
DA  C2     C  Y N 20  
DA  N3     N  Y N 21  
DA  C4     C  Y N 22  
DA  HOP3   H  N N 23  
DA  HOP2   H  N N 24  
DA  "H5'"  H  N N 25  
DA  "H5''" H  N N 26  
DA  "H4'"  H  N N 27  
DA  "H3'"  H  N N 28  
DA  "HO3'" H  N N 29  
DA  "H2'"  H  N N 30  
DA  "H2''" H  N N 31  
DA  "H1'"  H  N N 32  
DA  H8     H  N N 33  
DA  H61    H  N N 34  
DA  H62    H  N N 35  
DA  H2     H  N N 36  
DC  OP3    O  N N 37  
DC  P      P  N N 38  
DC  OP1    O  N N 39  
DC  OP2    O  N N 40  
DC  "O5'"  O  N N 41  
DC  "C5'"  C  N N 42  
DC  "C4'"  C  N R 43  
DC  "O4'"  O  N N 44  
DC  "C3'"  C  N S 45  
DC  "O3'"  O  N N 46  
DC  "C2'"  C  N N 47  
DC  "C1'"  C  N R 48  
DC  N1     N  N N 49  
DC  C2     C  N N 50  
DC  O2     O  N N 51  
DC  N3     N  N N 52  
DC  C4     C  N N 53  
DC  N4     N  N N 54  
DC  C5     C  N N 55  
DC  C6     C  N N 56  
DC  HOP3   H  N N 57  
DC  HOP2   H  N N 58  
DC  "H5'"  H  N N 59  
DC  "H5''" H  N N 60  
DC  "H4'"  H  N N 61  
DC  "H3'"  H  N N 62  
DC  "HO3'" H  N N 63  
DC  "H2'"  H  N N 64  
DC  "H2''" H  N N 65  
DC  "H1'"  H  N N 66  
DC  H41    H  N N 67  
DC  H42    H  N N 68  
DC  H5     H  N N 69  
DC  H6     H  N N 70  
DG  OP3    O  N N 71  
DG  P      P  N N 72  
DG  OP1    O  N N 73  
DG  OP2    O  N N 74  
DG  "O5'"  O  N N 75  
DG  "C5'"  C  N N 76  
DG  "C4'"  C  N R 77  
DG  "O4'"  O  N N 78  
DG  "C3'"  C  N S 79  
DG  "O3'"  O  N N 80  
DG  "C2'"  C  N N 81  
DG  "C1'"  C  N R 82  
DG  N9     N  Y N 83  
DG  C8     C  Y N 84  
DG  N7     N  Y N 85  
DG  C5     C  Y N 86  
DG  C6     C  N N 87  
DG  O6     O  N N 88  
DG  N1     N  N N 89  
DG  C2     C  N N 90  
DG  N2     N  N N 91  
DG  N3     N  N N 92  
DG  C4     C  Y N 93  
DG  HOP3   H  N N 94  
DG  HOP2   H  N N 95  
DG  "H5'"  H  N N 96  
DG  "H5''" H  N N 97  
DG  "H4'"  H  N N 98  
DG  "H3'"  H  N N 99  
DG  "HO3'" H  N N 100 
DG  "H2'"  H  N N 101 
DG  "H2''" H  N N 102 
DG  "H1'"  H  N N 103 
DG  H8     H  N N 104 
DG  H1     H  N N 105 
DG  H21    H  N N 106 
DG  H22    H  N N 107 
DT  OP3    O  N N 108 
DT  P      P  N N 109 
DT  OP1    O  N N 110 
DT  OP2    O  N N 111 
DT  "O5'"  O  N N 112 
DT  "C5'"  C  N N 113 
DT  "C4'"  C  N R 114 
DT  "O4'"  O  N N 115 
DT  "C3'"  C  N S 116 
DT  "O3'"  O  N N 117 
DT  "C2'"  C  N N 118 
DT  "C1'"  C  N R 119 
DT  N1     N  N N 120 
DT  C2     C  N N 121 
DT  O2     O  N N 122 
DT  N3     N  N N 123 
DT  C4     C  N N 124 
DT  O4     O  N N 125 
DT  C5     C  N N 126 
DT  C7     C  N N 127 
DT  C6     C  N N 128 
DT  HOP3   H  N N 129 
DT  HOP2   H  N N 130 
DT  "H5'"  H  N N 131 
DT  "H5''" H  N N 132 
DT  "H4'"  H  N N 133 
DT  "H3'"  H  N N 134 
DT  "HO3'" H  N N 135 
DT  "H2'"  H  N N 136 
DT  "H2''" H  N N 137 
DT  "H1'"  H  N N 138 
DT  H3     H  N N 139 
DT  H71    H  N N 140 
DT  H72    H  N N 141 
DT  H73    H  N N 142 
DT  H6     H  N N 143 
HOH O      O  N N 144 
HOH H1     H  N N 145 
HOH H2     H  N N 146 
NRU N1     N  N N 147 
NRU RU     RU N N 148 
NRU N4     N  N N 149 
NRU N5     N  N N 150 
NRU N2     N  N N 151 
NRU N3     N  N N 152 
NRU N6     N  N N 153 
NRU HN11   H  N N 154 
NRU HN1    H  N N 155 
NRU HN12   H  N N 156 
NRU HN4    H  N N 157 
NRU HN41   H  N N 158 
NRU HN42   H  N N 159 
NRU HN5    H  N N 160 
NRU HN51   H  N N 161 
NRU HN52   H  N N 162 
NRU HN2    H  N N 163 
NRU HN21   H  N N 164 
NRU HN22   H  N N 165 
NRU HN3    H  N N 166 
NRU HN31   H  N N 167 
NRU HN32   H  N N 168 
NRU HN6    H  N N 169 
NRU HN61   H  N N 170 
NRU HN62   H  N N 171 
# 
loop_
_chem_comp_bond.comp_id 
_chem_comp_bond.atom_id_1 
_chem_comp_bond.atom_id_2 
_chem_comp_bond.value_order 
_chem_comp_bond.pdbx_aromatic_flag 
_chem_comp_bond.pdbx_stereo_config 
_chem_comp_bond.pdbx_ordinal 
DA  OP3   P      sing N N 1   
DA  OP3   HOP3   sing N N 2   
DA  P     OP1    doub N N 3   
DA  P     OP2    sing N N 4   
DA  P     "O5'"  sing N N 5   
DA  OP2   HOP2   sing N N 6   
DA  "O5'" "C5'"  sing N N 7   
DA  "C5'" "C4'"  sing N N 8   
DA  "C5'" "H5'"  sing N N 9   
DA  "C5'" "H5''" sing N N 10  
DA  "C4'" "O4'"  sing N N 11  
DA  "C4'" "C3'"  sing N N 12  
DA  "C4'" "H4'"  sing N N 13  
DA  "O4'" "C1'"  sing N N 14  
DA  "C3'" "O3'"  sing N N 15  
DA  "C3'" "C2'"  sing N N 16  
DA  "C3'" "H3'"  sing N N 17  
DA  "O3'" "HO3'" sing N N 18  
DA  "C2'" "C1'"  sing N N 19  
DA  "C2'" "H2'"  sing N N 20  
DA  "C2'" "H2''" sing N N 21  
DA  "C1'" N9     sing N N 22  
DA  "C1'" "H1'"  sing N N 23  
DA  N9    C8     sing Y N 24  
DA  N9    C4     sing Y N 25  
DA  C8    N7     doub Y N 26  
DA  C8    H8     sing N N 27  
DA  N7    C5     sing Y N 28  
DA  C5    C6     sing Y N 29  
DA  C5    C4     doub Y N 30  
DA  C6    N6     sing N N 31  
DA  C6    N1     doub Y N 32  
DA  N6    H61    sing N N 33  
DA  N6    H62    sing N N 34  
DA  N1    C2     sing Y N 35  
DA  C2    N3     doub Y N 36  
DA  C2    H2     sing N N 37  
DA  N3    C4     sing Y N 38  
DC  OP3   P      sing N N 39  
DC  OP3   HOP3   sing N N 40  
DC  P     OP1    doub N N 41  
DC  P     OP2    sing N N 42  
DC  P     "O5'"  sing N N 43  
DC  OP2   HOP2   sing N N 44  
DC  "O5'" "C5'"  sing N N 45  
DC  "C5'" "C4'"  sing N N 46  
DC  "C5'" "H5'"  sing N N 47  
DC  "C5'" "H5''" sing N N 48  
DC  "C4'" "O4'"  sing N N 49  
DC  "C4'" "C3'"  sing N N 50  
DC  "C4'" "H4'"  sing N N 51  
DC  "O4'" "C1'"  sing N N 52  
DC  "C3'" "O3'"  sing N N 53  
DC  "C3'" "C2'"  sing N N 54  
DC  "C3'" "H3'"  sing N N 55  
DC  "O3'" "HO3'" sing N N 56  
DC  "C2'" "C1'"  sing N N 57  
DC  "C2'" "H2'"  sing N N 58  
DC  "C2'" "H2''" sing N N 59  
DC  "C1'" N1     sing N N 60  
DC  "C1'" "H1'"  sing N N 61  
DC  N1    C2     sing N N 62  
DC  N1    C6     sing N N 63  
DC  C2    O2     doub N N 64  
DC  C2    N3     sing N N 65  
DC  N3    C4     doub N N 66  
DC  C4    N4     sing N N 67  
DC  C4    C5     sing N N 68  
DC  N4    H41    sing N N 69  
DC  N4    H42    sing N N 70  
DC  C5    C6     doub N N 71  
DC  C5    H5     sing N N 72  
DC  C6    H6     sing N N 73  
DG  OP3   P      sing N N 74  
DG  OP3   HOP3   sing N N 75  
DG  P     OP1    doub N N 76  
DG  P     OP2    sing N N 77  
DG  P     "O5'"  sing N N 78  
DG  OP2   HOP2   sing N N 79  
DG  "O5'" "C5'"  sing N N 80  
DG  "C5'" "C4'"  sing N N 81  
DG  "C5'" "H5'"  sing N N 82  
DG  "C5'" "H5''" sing N N 83  
DG  "C4'" "O4'"  sing N N 84  
DG  "C4'" "C3'"  sing N N 85  
DG  "C4'" "H4'"  sing N N 86  
DG  "O4'" "C1'"  sing N N 87  
DG  "C3'" "O3'"  sing N N 88  
DG  "C3'" "C2'"  sing N N 89  
DG  "C3'" "H3'"  sing N N 90  
DG  "O3'" "HO3'" sing N N 91  
DG  "C2'" "C1'"  sing N N 92  
DG  "C2'" "H2'"  sing N N 93  
DG  "C2'" "H2''" sing N N 94  
DG  "C1'" N9     sing N N 95  
DG  "C1'" "H1'"  sing N N 96  
DG  N9    C8     sing Y N 97  
DG  N9    C4     sing Y N 98  
DG  C8    N7     doub Y N 99  
DG  C8    H8     sing N N 100 
DG  N7    C5     sing Y N 101 
DG  C5    C6     sing N N 102 
DG  C5    C4     doub Y N 103 
DG  C6    O6     doub N N 104 
DG  C6    N1     sing N N 105 
DG  N1    C2     sing N N 106 
DG  N1    H1     sing N N 107 
DG  C2    N2     sing N N 108 
DG  C2    N3     doub N N 109 
DG  N2    H21    sing N N 110 
DG  N2    H22    sing N N 111 
DG  N3    C4     sing N N 112 
DT  OP3   P      sing N N 113 
DT  OP3   HOP3   sing N N 114 
DT  P     OP1    doub N N 115 
DT  P     OP2    sing N N 116 
DT  P     "O5'"  sing N N 117 
DT  OP2   HOP2   sing N N 118 
DT  "O5'" "C5'"  sing N N 119 
DT  "C5'" "C4'"  sing N N 120 
DT  "C5'" "H5'"  sing N N 121 
DT  "C5'" "H5''" sing N N 122 
DT  "C4'" "O4'"  sing N N 123 
DT  "C4'" "C3'"  sing N N 124 
DT  "C4'" "H4'"  sing N N 125 
DT  "O4'" "C1'"  sing N N 126 
DT  "C3'" "O3'"  sing N N 127 
DT  "C3'" "C2'"  sing N N 128 
DT  "C3'" "H3'"  sing N N 129 
DT  "O3'" "HO3'" sing N N 130 
DT  "C2'" "C1'"  sing N N 131 
DT  "C2'" "H2'"  sing N N 132 
DT  "C2'" "H2''" sing N N 133 
DT  "C1'" N1     sing N N 134 
DT  "C1'" "H1'"  sing N N 135 
DT  N1    C2     sing N N 136 
DT  N1    C6     sing N N 137 
DT  C2    O2     doub N N 138 
DT  C2    N3     sing N N 139 
DT  N3    C4     sing N N 140 
DT  N3    H3     sing N N 141 
DT  C4    O4     doub N N 142 
DT  C4    C5     sing N N 143 
DT  C5    C7     sing N N 144 
DT  C5    C6     doub N N 145 
DT  C7    H71    sing N N 146 
DT  C7    H72    sing N N 147 
DT  C7    H73    sing N N 148 
DT  C6    H6     sing N N 149 
HOH O     H1     sing N N 150 
HOH O     H2     sing N N 151 
NRU N1    RU     sing N N 152 
NRU N1    HN11   sing N N 153 
NRU N1    HN1    sing N N 154 
NRU N1    HN12   sing N N 155 
NRU RU    N4     sing N N 156 
NRU RU    N5     sing N N 157 
NRU RU    N2     sing N N 158 
NRU RU    N3     sing N N 159 
NRU RU    N6     sing N N 160 
NRU N4    HN4    sing N N 161 
NRU N4    HN41   sing N N 162 
NRU N4    HN42   sing N N 163 
NRU N5    HN5    sing N N 164 
NRU N5    HN51   sing N N 165 
NRU N5    HN52   sing N N 166 
NRU N2    HN2    sing N N 167 
NRU N2    HN21   sing N N 168 
NRU N2    HN22   sing N N 169 
NRU N3    HN3    sing N N 170 
NRU N3    HN31   sing N N 171 
NRU N3    HN32   sing N N 172 
NRU N6    HN6    sing N N 173 
NRU N6    HN61   sing N N 174 
NRU N6    HN62   sing N N 175 
# 
_ndb_struct_conf_na.entry_id   2HTT 
_ndb_struct_conf_na.feature    'z-form double helix' 
# 
loop_
_ndb_struct_na_base_pair.model_number 
_ndb_struct_na_base_pair.i_label_asym_id 
_ndb_struct_na_base_pair.i_label_comp_id 
_ndb_struct_na_base_pair.i_label_seq_id 
_ndb_struct_na_base_pair.i_symmetry 
_ndb_struct_na_base_pair.j_label_asym_id 
_ndb_struct_na_base_pair.j_label_comp_id 
_ndb_struct_na_base_pair.j_label_seq_id 
_ndb_struct_na_base_pair.j_symmetry 
_ndb_struct_na_base_pair.shear 
_ndb_struct_na_base_pair.stretch 
_ndb_struct_na_base_pair.stagger 
_ndb_struct_na_base_pair.buckle 
_ndb_struct_na_base_pair.propeller 
_ndb_struct_na_base_pair.opening 
_ndb_struct_na_base_pair.pair_number 
_ndb_struct_na_base_pair.pair_name 
_ndb_struct_na_base_pair.i_auth_asym_id 
_ndb_struct_na_base_pair.i_auth_seq_id 
_ndb_struct_na_base_pair.i_PDB_ins_code 
_ndb_struct_na_base_pair.j_auth_asym_id 
_ndb_struct_na_base_pair.j_auth_seq_id 
_ndb_struct_na_base_pair.j_PDB_ins_code 
_ndb_struct_na_base_pair.hbond_type_28 
_ndb_struct_na_base_pair.hbond_type_12 
1 A DT 1 1_555 B DA 6 1_555 -0.385 -0.233 0.429 -0.513  10.555 4.882  1 A_DT1:DA12_B  A 1  ? B 12 ? 20 1 
1 A DG 2 1_555 B DC 5 1_555 0.836  -0.389 0.017 -6.044  6.989  3.737  2 A_DG2:DC11_B  A 2  ? B 11 ? 19 1 
1 A DC 3 1_555 B DG 4 1_555 -0.578 -0.310 0.317 3.161   0.642  2.331  3 A_DC3:DG10_B  A 3  ? B 10 ? 19 1 
1 A DG 4 1_555 B DC 3 1_555 0.645  -0.062 0.560 2.217   -1.620 -3.454 4 A_DG4:DC9_B   A 4  ? B 9  ? 19 1 
1 A DC 5 1_555 B DG 2 1_555 -0.208 -0.168 0.446 2.592   4.757  1.519  5 A_DC5:DG8_B   A 5  ? B 8  ? 19 1 
1 A DG 6 1_555 B DC 1 1_555 1.468  -0.407 0.928 4.687   3.868  2.178  6 A_DG6:DC7_B   A 6  ? B 7  ? 19 1 
1 C DT 1 1_555 D DG 2 1_555 -1.329 -0.281 0.625 2.399   3.617  12.906 7 D_DT13:DG16_E D 13 ? E 16 ? 28 ? 
1 C DG 2 1_555 D DT 1 1_555 -0.222 0.158  0.265 -11.330 8.870  -1.753 8 D_DG14:DT15_E D 14 ? E 15 ? ?  ? 
# 
loop_
_ndb_struct_na_base_pair_step.model_number 
_ndb_struct_na_base_pair_step.i_label_asym_id_1 
_ndb_struct_na_base_pair_step.i_label_comp_id_1 
_ndb_struct_na_base_pair_step.i_label_seq_id_1 
_ndb_struct_na_base_pair_step.i_symmetry_1 
_ndb_struct_na_base_pair_step.j_label_asym_id_1 
_ndb_struct_na_base_pair_step.j_label_comp_id_1 
_ndb_struct_na_base_pair_step.j_label_seq_id_1 
_ndb_struct_na_base_pair_step.j_symmetry_1 
_ndb_struct_na_base_pair_step.i_label_asym_id_2 
_ndb_struct_na_base_pair_step.i_label_comp_id_2 
_ndb_struct_na_base_pair_step.i_label_seq_id_2 
_ndb_struct_na_base_pair_step.i_symmetry_2 
_ndb_struct_na_base_pair_step.j_label_asym_id_2 
_ndb_struct_na_base_pair_step.j_label_comp_id_2 
_ndb_struct_na_base_pair_step.j_label_seq_id_2 
_ndb_struct_na_base_pair_step.j_symmetry_2 
_ndb_struct_na_base_pair_step.shift 
_ndb_struct_na_base_pair_step.slide 
_ndb_struct_na_base_pair_step.rise 
_ndb_struct_na_base_pair_step.tilt 
_ndb_struct_na_base_pair_step.roll 
_ndb_struct_na_base_pair_step.twist 
_ndb_struct_na_base_pair_step.x_displacement 
_ndb_struct_na_base_pair_step.y_displacement 
_ndb_struct_na_base_pair_step.helical_rise 
_ndb_struct_na_base_pair_step.inclination 
_ndb_struct_na_base_pair_step.tip 
_ndb_struct_na_base_pair_step.helical_twist 
_ndb_struct_na_base_pair_step.step_number 
_ndb_struct_na_base_pair_step.step_name 
_ndb_struct_na_base_pair_step.i_auth_asym_id_1 
_ndb_struct_na_base_pair_step.i_auth_seq_id_1 
_ndb_struct_na_base_pair_step.i_PDB_ins_code_1 
_ndb_struct_na_base_pair_step.j_auth_asym_id_1 
_ndb_struct_na_base_pair_step.j_auth_seq_id_1 
_ndb_struct_na_base_pair_step.j_PDB_ins_code_1 
_ndb_struct_na_base_pair_step.i_auth_asym_id_2 
_ndb_struct_na_base_pair_step.i_auth_seq_id_2 
_ndb_struct_na_base_pair_step.i_PDB_ins_code_2 
_ndb_struct_na_base_pair_step.j_auth_asym_id_2 
_ndb_struct_na_base_pair_step.j_auth_seq_id_2 
_ndb_struct_na_base_pair_step.j_PDB_ins_code_2 
1 A DT 1 1_555 B DA 6 1_555 A DG 2 1_555 B DC 5 1_555 -0.206 5.279  3.846 0.655  4.985  -7.690  -40.738 -0.262 0.375  -32.930 
4.327  -9.186  1 AA_DT1DG2:DC11DA12_BB   A 1  ? B 12 ? A 2  ? B 11 ? 
1 A DG 2 1_555 B DC 5 1_555 A DC 3 1_555 B DG 4 1_555 -0.111 -0.591 3.144 -2.593 -5.093 -55.657 0.908   -0.260 3.076  5.438   
-2.769 -55.926 2 AA_DG2DC3:DG10DC11_BB   A 2  ? B 11 ? A 3  ? B 10 ? 
1 A DC 3 1_555 B DG 4 1_555 A DG 4 1_555 B DC 3 1_555 -0.470 4.937  3.760 -0.618 4.012  -5.482  -52.012 -5.568 0.078  -36.117 
-5.562 -6.821  3 AA_DC3DG4:DC9DG10_BB    A 3  ? B 10 ? A 4  ? B 9  ? 
1 A DG 4 1_555 B DC 3 1_555 A DC 5 1_555 B DG 2 1_555 0.424  -0.970 3.335 0.103  -7.327 -52.103 1.574   0.485  3.180  8.295   
0.117  -52.580 4 AA_DG4DC5:DG8DC9_BB     A 4  ? B 9  ? A 5  ? B 8  ? 
1 A DC 5 1_555 B DG 2 1_555 A DG 6 1_555 B DC 1 1_555 -0.043 4.953  3.927 -0.460 11.936 -2.816  -23.212 -0.203 -3.916 -76.725 
-2.955 -12.271 5 AA_DC5DG6:DC7DG8_BB     A 5  ? B 8  ? A 6  ? B 7  ? 
1 C DT 1 1_555 D DG 2 1_555 C DG 2 1_555 D DT 1 1_555 -0.228 4.976  4.120 0.314  7.173  -7.671  -35.241 -0.891 -0.376 -43.124 
1.888  -10.504 6 DD_DT13DG14:DT15DG16_EE D 13 ? E 16 ? D 14 ? E 15 ? 
# 
_pdbx_initial_refinement_model.accession_code   1XAM 
_pdbx_initial_refinement_model.id               1 
_pdbx_initial_refinement_model.entity_id_list   ? 
_pdbx_initial_refinement_model.type             'experimental model' 
_pdbx_initial_refinement_model.source_name      PDB 
_pdbx_initial_refinement_model.details          'NDB ENTRY ZD0014' 
# 
_atom_sites.entry_id                    2HTT 
_atom_sites.fract_transf_matrix[1][1]   0.00539190 
_atom_sites.fract_transf_matrix[1][2]   -0.03131661 
_atom_sites.fract_transf_matrix[1][3]   0.00500160 
_atom_sites.fract_transf_matrix[2][1]   -0.02322445 
_atom_sites.fract_transf_matrix[2][2]   -0.02146281 
_atom_sites.fract_transf_matrix[2][3]   -0.00590061 
_atom_sites.fract_transf_matrix[3][1]   0.00730831 
_atom_sites.fract_transf_matrix[3][2]   -0.00211002 
_atom_sites.fract_transf_matrix[3][3]   -0.02109011 
_atom_sites.fract_transf_vector[1]      0.009255 
_atom_sites.fract_transf_vector[2]      0.377207 
_atom_sites.fract_transf_vector[3]      0.003731 
# 
loop_
_atom_type.symbol 
C  
N  
O  
P  
RU 
# 
loop_
_atom_site.group_PDB 
_atom_site.id 
_atom_site.type_symbol 
_atom_site.label_atom_id 
_atom_site.label_alt_id 
_atom_site.label_comp_id 
_atom_site.label_asym_id 
_atom_site.label_entity_id 
_atom_site.label_seq_id 
_atom_site.pdbx_PDB_ins_code 
_atom_site.Cartn_x 
_atom_site.Cartn_y 
_atom_site.Cartn_z 
_atom_site.occupancy 
_atom_site.B_iso_or_equiv 
_atom_site.pdbx_formal_charge 
_atom_site.auth_seq_id 
_atom_site.auth_comp_id 
_atom_site.auth_asym_id 
_atom_site.auth_atom_id 
_atom_site.pdbx_PDB_model_num 
ATOM   1   O  "O5'" . DT  A 1 1 ? -2.693  -8.851 -5.970 1.00 15.94 ? 1  DT  A "O5'" 1 
ATOM   2   C  "C5'" . DT  A 1 1 ? -1.936  -7.790 -6.543 1.00 12.96 ? 1  DT  A "C5'" 1 
ATOM   3   C  "C4'" . DT  A 1 1 ? -2.720  -6.487 -6.509 1.00 11.02 ? 1  DT  A "C4'" 1 
ATOM   4   O  "O4'" . DT  A 1 1 ? -1.953  -5.477 -5.805 1.00 11.21 ? 1  DT  A "O4'" 1 
ATOM   5   C  "C3'" . DT  A 1 1 ? -3.060  -5.897 -7.876 1.00 9.57  ? 1  DT  A "C3'" 1 
ATOM   6   O  "O3'" . DT  A 1 1 ? -4.421  -5.455 -7.901 1.00 9.05  ? 1  DT  A "O3'" 1 
ATOM   7   C  "C2'" . DT  A 1 1 ? -2.088  -4.726 -8.014 1.00 10.44 ? 1  DT  A "C2'" 1 
ATOM   8   C  "C1'" . DT  A 1 1 ? -1.939  -4.283 -6.563 1.00 11.03 ? 1  DT  A "C1'" 1 
ATOM   9   N  N1    . DT  A 1 1 ? -0.688  -3.495 -6.275 1.00 10.13 ? 1  DT  A N1    1 
ATOM   10  C  C2    . DT  A 1 1 ? -0.676  -2.126 -6.496 1.00 11.01 ? 1  DT  A C2    1 
ATOM   11  O  O2    . DT  A 1 1 ? -1.629  -1.494 -6.920 1.00 12.39 ? 1  DT  A O2    1 
ATOM   12  N  N3    . DT  A 1 1 ? 0.515   -1.507 -6.198 1.00 11.28 ? 1  DT  A N3    1 
ATOM   13  C  C4    . DT  A 1 1 ? 1.671   -2.097 -5.714 1.00 11.10 ? 1  DT  A C4    1 
ATOM   14  O  O4    . DT  A 1 1 ? 2.684   -1.440 -5.482 1.00 11.51 ? 1  DT  A O4    1 
ATOM   15  C  C5    . DT  A 1 1 ? 1.594   -3.527 -5.503 1.00 10.96 ? 1  DT  A C5    1 
ATOM   16  C  C7    . DT  A 1 1 ? 2.740   -4.276 -4.885 1.00 13.25 ? 1  DT  A C7    1 
ATOM   17  C  C6    . DT  A 1 1 ? 0.437   -4.145 -5.791 1.00 9.45  ? 1  DT  A C6    1 
ATOM   18  P  P     . DG  A 1 2 ? -5.607  -6.372 -8.474 1.00 9.43  ? 2  DG  A P     1 
ATOM   19  O  OP1   . DG  A 1 2 ? -5.062  -7.267 -9.519 1.00 9.99  ? 2  DG  A OP1   1 
ATOM   20  O  OP2   . DG  A 1 2 ? -6.735  -5.473 -8.807 1.00 8.92  ? 2  DG  A OP2   1 
ATOM   21  O  "O5'" . DG  A 1 2 ? -6.006  -7.282 -7.217 1.00 9.19  ? 2  DG  A "O5'" 1 
ATOM   22  C  "C5'" . DG  A 1 2 ? -6.655  -6.723 -6.074 1.00 9.50  ? 2  DG  A "C5'" 1 
ATOM   23  C  "C4'" . DG  A 1 2 ? -6.570  -7.673 -4.893 1.00 10.77 ? 2  DG  A "C4'" 1 
ATOM   24  O  "O4'" . DG  A 1 2 ? -5.181  -7.986 -4.646 1.00 10.64 ? 2  DG  A "O4'" 1 
ATOM   25  C  "C3'" . DG  A 1 2 ? -7.093  -7.117 -3.575 1.00 13.06 ? 2  DG  A "C3'" 1 
ATOM   26  O  "O3'" . DG  A 1 2 ? -8.465  -7.466 -3.416 1.00 15.44 ? 2  DG  A "O3'" 1 
ATOM   27  C  "C2'" . DG  A 1 2 ? -6.234  -7.810 -2.517 1.00 11.97 ? 2  DG  A "C2'" 1 
ATOM   28  C  "C1'" . DG  A 1 2 ? -4.993  -8.280 -3.277 1.00 10.92 ? 2  DG  A "C1'" 1 
ATOM   29  N  N9    . DG  A 1 2 ? -3.736  -7.664 -2.850 1.00 10.85 ? 2  DG  A N9    1 
ATOM   30  C  C8    . DG  A 1 2 ? -2.657  -8.323 -2.311 1.00 11.09 ? 2  DG  A C8    1 
ATOM   31  N  N7    . DG  A 1 2 ? -1.656  -7.542 -2.019 1.00 10.91 ? 2  DG  A N7    1 
ATOM   32  C  C5    . DG  A 1 2 ? -2.094  -6.278 -2.391 1.00 10.55 ? 2  DG  A C5    1 
ATOM   33  C  C6    . DG  A 1 2 ? -1.433  -5.026 -2.311 1.00 11.24 ? 2  DG  A C6    1 
ATOM   34  O  O6    . DG  A 1 2 ? -0.295  -4.793 -1.881 1.00 10.77 ? 2  DG  A O6    1 
ATOM   35  N  N1    . DG  A 1 2 ? -2.224  -3.980 -2.793 1.00 10.59 ? 2  DG  A N1    1 
ATOM   36  C  C2    . DG  A 1 2 ? -3.498  -4.131 -3.292 1.00 10.38 ? 2  DG  A C2    1 
ATOM   37  N  N2    . DG  A 1 2 ? -4.110  -3.014 -3.714 1.00 10.82 ? 2  DG  A N2    1 
ATOM   38  N  N3    . DG  A 1 2 ? -4.128  -5.300 -3.374 1.00 10.45 ? 2  DG  A N3    1 
ATOM   39  C  C4    . DG  A 1 2 ? -3.373  -6.332 -2.908 1.00 10.89 ? 2  DG  A C4    1 
ATOM   40  P  P     . DC  A 1 3 ? -9.624  -6.359 -3.404 1.00 16.82 ? 3  DC  A P     1 
ATOM   41  O  OP1   . DC  A 1 3 ? -10.879 -7.059 -3.050 1.00 16.59 ? 3  DC  A OP1   1 
ATOM   42  O  OP2   . DC  A 1 3 ? -9.546  -5.589 -4.666 1.00 15.49 ? 3  DC  A OP2   1 
ATOM   43  O  "O5'" . DC  A 1 3 ? -9.230  -5.399 -2.184 1.00 12.57 ? 3  DC  A "O5'" 1 
ATOM   44  C  "C5'" . DC  A 1 3 ? -10.133 -4.380 -1.757 1.00 9.39  ? 3  DC  A "C5'" 1 
ATOM   45  C  "C4'" . DC  A 1 3 ? -9.404  -3.156 -1.226 1.00 8.68  ? 3  DC  A "C4'" 1 
ATOM   46  O  "O4'" . DC  A 1 3 ? -8.337  -3.561 -0.328 1.00 9.09  ? 3  DC  A "O4'" 1 
ATOM   47  C  "C3'" . DC  A 1 3 ? -8.763  -2.264 -2.288 1.00 9.00  ? 3  DC  A "C3'" 1 
ATOM   48  O  "O3'" . DC  A 1 3 ? -9.085  -0.891 -2.043 1.00 8.52  ? 3  DC  A "O3'" 1 
ATOM   49  C  "C2'" . DC  A 1 3 ? -7.265  -2.528 -2.128 1.00 8.83  ? 3  DC  A "C2'" 1 
ATOM   50  C  "C1'" . DC  A 1 3 ? -7.166  -2.833 -0.638 1.00 8.37  ? 3  DC  A "C1'" 1 
ATOM   51  N  N1    . DC  A 1 3 ? -5.946  -3.621 -0.241 1.00 8.07  ? 3  DC  A N1    1 
ATOM   52  C  C2    . DC  A 1 3 ? -4.727  -2.963 0.013  1.00 8.70  ? 3  DC  A C2    1 
ATOM   53  O  O2    . DC  A 1 3 ? -4.651  -1.730 -0.089 1.00 9.67  ? 3  DC  A O2    1 
ATOM   54  N  N3    . DC  A 1 3 ? -3.644  -3.704 0.371  1.00 9.39  ? 3  DC  A N3    1 
ATOM   55  C  C4    . DC  A 1 3 ? -3.739  -5.034 0.478  1.00 8.96  ? 3  DC  A C4    1 
ATOM   56  N  N4    . DC  A 1 3 ? -2.644  -5.715 0.833  1.00 8.39  ? 3  DC  A N4    1 
ATOM   57  C  C5    . DC  A 1 3 ? -4.965  -5.722 0.227  1.00 9.53  ? 3  DC  A C5    1 
ATOM   58  C  C6    . DC  A 1 3 ? -6.027  -4.985 -0.126 1.00 8.06  ? 3  DC  A C6    1 
ATOM   59  P  P     . DG  A 1 4 ? -10.326 -0.169 -2.756 1.00 7.77  ? 4  DG  A P     1 
ATOM   60  O  OP1   . DG  A 1 4 ? -10.550 -0.800 -4.076 1.00 4.93  ? 4  DG  A OP1   1 
ATOM   61  O  OP2   . DG  A 1 4 ? -10.089 1.290  -2.683 1.00 6.72  ? 4  DG  A OP2   1 
ATOM   62  O  "O5'" . DG  A 1 4 ? -11.565 -0.551 -1.814 1.00 8.08  ? 4  DG  A "O5'" 1 
ATOM   63  C  "C5'" . DG  A 1 4 ? -11.661 -0.049 -0.482 1.00 9.05  ? 4  DG  A "C5'" 1 
ATOM   64  C  "C4'" . DG  A 1 4 ? -12.685 -0.835 0.319  1.00 10.82 ? 4  DG  A "C4'" 1 
ATOM   65  O  "O4'" . DG  A 1 4 ? -12.309 -2.230 0.316  1.00 11.02 ? 4  DG  A "O4'" 1 
ATOM   66  C  "C3'" . DG  A 1 4 ? -12.796 -0.450 1.789  1.00 13.86 ? 4  DG  A "C3'" 1 
ATOM   67  O  "O3'" . DG  A 1 4 ? -13.845 0.504  1.956  1.00 16.82 ? 4  DG  A "O3'" 1 
ATOM   68  C  "C2'" . DG  A 1 4 ? -13.135 -1.761 2.499  1.00 13.93 ? 4  DG  A "C2'" 1 
ATOM   69  C  "C1'" . DG  A 1 4 ? -12.782 -2.856 1.490  1.00 13.34 ? 4  DG  A "C1'" 1 
ATOM   70  N  N9    . DG  A 1 4 ? -11.755 -3.801 1.937  1.00 13.45 ? 4  DG  A N9    1 
ATOM   71  C  C8    . DG  A 1 4 ? -11.913 -5.158 2.082  1.00 13.59 ? 4  DG  A C8    1 
ATOM   72  N  N7    . DG  A 1 4 ? -10.838 -5.771 2.490  1.00 13.95 ? 4  DG  A N7    1 
ATOM   73  C  C5    . DG  A 1 4 ? -9.899  -4.759 2.623  1.00 13.76 ? 4  DG  A C5    1 
ATOM   74  C  C6    . DG  A 1 4 ? -8.542  -4.820 3.036  1.00 13.71 ? 4  DG  A C6    1 
ATOM   75  O  O6    . DG  A 1 4 ? -7.893  -5.820 3.372  1.00 13.62 ? 4  DG  A O6    1 
ATOM   76  N  N1    . DG  A 1 4 ? -7.933  -3.564 3.036  1.00 12.59 ? 4  DG  A N1    1 
ATOM   77  C  C2    . DG  A 1 4 ? -8.563  -2.391 2.680  1.00 13.17 ? 4  DG  A C2    1 
ATOM   78  N  N2    . DG  A 1 4 ? -7.822  -1.274 2.738  1.00 13.66 ? 4  DG  A N2    1 
ATOM   79  N  N3    . DG  A 1 4 ? -9.833  -2.320 2.290  1.00 13.34 ? 4  DG  A N3    1 
ATOM   80  C  C4    . DG  A 1 4 ? -10.444 -3.536 2.284  1.00 14.14 ? 4  DG  A C4    1 
ATOM   81  P  P     . DC  A 1 5 ? -13.550 2.028  2.362  1.00 18.68 ? 5  DC  A P     1 
ATOM   82  O  OP1   . DC  A 1 5 ? -14.860 2.703  2.503  1.00 18.64 ? 5  DC  A OP1   1 
ATOM   83  O  OP2   . DC  A 1 5 ? -12.545 2.579  1.426  1.00 17.25 ? 5  DC  A OP2   1 
ATOM   84  O  "O5'" . DC  A 1 5 ? -12.894 1.911  3.818  1.00 16.43 ? 5  DC  A "O5'" 1 
ATOM   85  C  "C5'" . DC  A 1 5 ? -12.631 3.089  4.579  1.00 13.40 ? 5  DC  A "C5'" 1 
ATOM   86  C  "C4'" . DC  A 1 5 ? -11.322 2.986  5.346  1.00 11.87 ? 5  DC  A "C4'" 1 
ATOM   87  O  "O4'" . DC  A 1 5 ? -11.216 1.683  5.980  1.00 11.22 ? 5  DC  A "O4'" 1 
ATOM   88  C  "C3'" . DC  A 1 5 ? -10.056 3.170  4.511  1.00 10.29 ? 5  DC  A "C3'" 1 
ATOM   89  O  "O3'" . DC  A 1 5 ? -9.168  4.088  5.154  1.00 8.81  ? 5  DC  A "O3'" 1 
ATOM   90  C  "C2'" . DC  A 1 5 ? -9.459  1.764  4.446  1.00 9.73  ? 5  DC  A "C2'" 1 
ATOM   91  C  "C1'" . DC  A 1 5 ? -9.910  1.181  5.780  1.00 9.66  ? 5  DC  A "C1'" 1 
ATOM   92  N  N1    . DC  A 1 5 ? -9.917  -0.323 5.837  1.00 9.44  ? 5  DC  A N1    1 
ATOM   93  C  C2    . DC  A 1 5 ? -8.753  -1.018 6.217  1.00 8.76  ? 5  DC  A C2    1 
ATOM   94  O  O2    . DC  A 1 5 ? -7.722  -0.394 6.503  1.00 10.55 ? 5  DC  A O2    1 
ATOM   95  N  N3    . DC  A 1 5 ? -8.785  -2.378 6.263  1.00 8.27  ? 5  DC  A N3    1 
ATOM   96  C  C4    . DC  A 1 5 ? -9.907  -3.037 5.952  1.00 8.46  ? 5  DC  A C4    1 
ATOM   97  N  N4    . DC  A 1 5 ? -9.885  -4.373 6.013  1.00 10.03 ? 5  DC  A N4    1 
ATOM   98  C  C5    . DC  A 1 5 ? -11.101 -2.353 5.564  1.00 8.92  ? 5  DC  A C5    1 
ATOM   99  C  C6    . DC  A 1 5 ? -11.058 -1.014 5.522  1.00 9.15  ? 5  DC  A C6    1 
ATOM   100 P  P     . DG  A 1 6 ? -9.127  5.645  4.772  1.00 7.62  ? 6  DG  A P     1 
ATOM   101 O  OP1   . DG  A 1 6 ? -9.395  5.790  3.323  1.00 7.77  ? 6  DG  A OP1   1 
ATOM   102 O  OP2   . DG  A 1 6 ? -7.873  6.199  5.331  1.00 6.14  ? 6  DG  A OP2   1 
ATOM   103 O  "O5'" . DG  A 1 6 ? -10.377 6.253  5.568  1.00 8.08  ? 6  DG  A "O5'" 1 
ATOM   104 C  "C5'" . DG  A 1 6 ? -10.346 6.386  6.988  1.00 6.18  ? 6  DG  A "C5'" 1 
ATOM   105 C  "C4'" . DG  A 1 6 ? -11.734 6.653  7.543  1.00 3.90  ? 6  DG  A "C4'" 1 
ATOM   106 O  "O4'" . DG  A 1 6 ? -12.616 5.575  7.148  1.00 3.98  ? 6  DG  A "O4'" 1 
ATOM   107 C  "C3'" . DG  A 1 6 ? -11.817 6.694  9.062  1.00 5.36  ? 6  DG  A "C3'" 1 
ATOM   108 O  "O3'" . DG  A 1 6 ? -11.610 8.024  9.522  1.00 5.92  ? 6  DG  A "O3'" 1 
ATOM   109 C  "C2'" . DG  A 1 6 ? -13.239 6.219  9.356  1.00 4.60  ? 6  DG  A "C2'" 1 
ATOM   110 C  "C1'" . DG  A 1 6 ? -13.613 5.382  8.132  1.00 5.60  ? 6  DG  A "C1'" 1 
ATOM   111 N  N9    . DG  A 1 6 ? -13.742 3.945  8.387  1.00 5.65  ? 6  DG  A N9    1 
ATOM   112 C  C8    . DG  A 1 6 ? -14.908 3.219  8.341  1.00 6.17  ? 6  DG  A C8    1 
ATOM   113 N  N7    . DG  A 1 6 ? -14.755 1.953  8.603  1.00 5.63  ? 6  DG  A N7    1 
ATOM   114 C  C5    . DG  A 1 6 ? -13.394 1.822  8.839  1.00 5.08  ? 6  DG  A C5    1 
ATOM   115 C  C6    . DG  A 1 6 ? -12.638 0.670  9.174  1.00 5.66  ? 6  DG  A C6    1 
ATOM   116 O  O6    . DG  A 1 6 ? -13.046 -0.489 9.329  1.00 6.07  ? 6  DG  A O6    1 
ATOM   117 N  N1    . DG  A 1 6 ? -11.280 0.957  9.331  1.00 5.16  ? 6  DG  A N1    1 
ATOM   118 C  C2    . DG  A 1 6 ? -10.726 2.210  9.182  1.00 4.90  ? 6  DG  A C2    1 
ATOM   119 N  N2    . DG  A 1 6 ? -9.401  2.300  9.369  1.00 6.16  ? 6  DG  A N2    1 
ATOM   120 N  N3    . DG  A 1 6 ? -11.426 3.296  8.867  1.00 6.22  ? 6  DG  A N3    1 
ATOM   121 C  C4    . DG  A 1 6 ? -12.752 3.037  8.711  1.00 5.95  ? 6  DG  A C4    1 
ATOM   122 O  "O5'" . DC  B 2 1 ? -5.985  -5.810 12.102 1.00 3.15  ? 7  DC  B "O5'" 1 
ATOM   123 C  "C5'" . DC  B 2 1 ? -4.782  -5.257 11.575 1.00 3.88  ? 7  DC  B "C5'" 1 
ATOM   124 C  "C4'" . DC  B 2 1 ? -5.023  -3.891 10.954 1.00 2.86  ? 7  DC  B "C4'" 1 
ATOM   125 O  "O4'" . DC  B 2 1 ? -6.197  -3.931 10.104 1.00 2.30  ? 7  DC  B "O4'" 1 
ATOM   126 C  "C3'" . DC  B 2 1 ? -5.238  -2.755 11.953 1.00 3.54  ? 7  DC  B "C3'" 1 
ATOM   127 O  "O3'" . DC  B 2 1 ? -4.346  -1.674 11.669 1.00 4.66  ? 7  DC  B "O3'" 1 
ATOM   128 C  "C2'" . DC  B 2 1 ? -6.701  -2.355 11.756 1.00 3.38  ? 7  DC  B "C2'" 1 
ATOM   129 C  "C1'" . DC  B 2 1 ? -6.951  -2.755 10.306 1.00 2.00  ? 7  DC  B "C1'" 1 
ATOM   130 N  N1    . DC  B 2 1 ? -8.396  -3.009 9.971  1.00 2.00  ? 7  DC  B N1    1 
ATOM   131 C  C2    . DC  B 2 1 ? -9.218  -1.951 9.542  1.00 2.00  ? 7  DC  B C2    1 
ATOM   132 O  O2    . DC  B 2 1 ? -8.756  -0.805 9.441  1.00 2.00  ? 7  DC  B O2    1 
ATOM   133 N  N3    . DC  B 2 1 ? -10.519 -2.210 9.245  1.00 2.40  ? 7  DC  B N3    1 
ATOM   134 C  C4    . DC  B 2 1 ? -11.005 -3.451 9.358  1.00 2.00  ? 7  DC  B C4    1 
ATOM   135 N  N4    . DC  B 2 1 ? -12.291 -3.650 9.052  1.00 2.00  ? 7  DC  B N4    1 
ATOM   136 C  C5    . DC  B 2 1 ? -10.190 -4.542 9.791  1.00 2.00  ? 7  DC  B C5    1 
ATOM   137 C  C6    . DC  B 2 1 ? -8.909  -4.276 10.083 1.00 2.00  ? 7  DC  B C6    1 
ATOM   138 P  P     . DG  B 2 2 ? -2.939  -1.522 12.427 1.00 5.82  ? 8  DG  B P     1 
ATOM   139 O  OP1   . DG  B 2 2 ? -3.082  -2.060 13.798 1.00 6.88  ? 8  DG  B OP1   1 
ATOM   140 O  OP2   . DG  B 2 2 ? -2.485  -0.126 12.239 1.00 4.54  ? 8  DG  B OP2   1 
ATOM   141 O  "O5'" . DG  B 2 2 ? -1.973  -2.508 11.614 1.00 6.59  ? 8  DG  B "O5'" 1 
ATOM   142 C  "C5'" . DG  B 2 2 ? -1.575  -2.214 10.276 1.00 7.83  ? 8  DG  B "C5'" 1 
ATOM   143 C  "C4'" . DG  B 2 2 ? -0.962  -3.432 9.607  1.00 7.04  ? 8  DG  B "C4'" 1 
ATOM   144 O  "O4'" . DG  B 2 2 ? -1.919  -4.516 9.639  1.00 5.52  ? 8  DG  B "O4'" 1 
ATOM   145 C  "C3'" . DG  B 2 2 ? -0.607  -3.249 8.137  1.00 8.89  ? 8  DG  B "C3'" 1 
ATOM   146 O  "O3'" . DG  B 2 2 ? 0.754   -2.839 8.015  1.00 13.75 ? 8  DG  B "O3'" 1 
ATOM   147 C  "C2'" . DG  B 2 2 ? -0.818  -4.636 7.529  1.00 6.87  ? 8  DG  B "C2'" 1 
ATOM   148 C  "C1'" . DG  B 2 2 ? -1.731  -5.358 8.520  1.00 5.42  ? 8  DG  B "C1'" 1 
ATOM   149 N  N9    . DG  B 2 2 ? -3.050  -5.710 7.989  1.00 5.08  ? 8  DG  B N9    1 
ATOM   150 C  C8    . DG  B 2 2 ? -3.536  -6.982 7.801  1.00 4.92  ? 8  DG  B C8    1 
ATOM   151 N  N7    . DG  B 2 2 ? -4.745  -7.017 7.317  1.00 5.26  ? 8  DG  B N7    1 
ATOM   152 C  C5    . DG  B 2 2 ? -5.093  -5.681 7.176  1.00 5.28  ? 8  DG  B C5    1 
ATOM   153 C  C6    . DG  B 2 2 ? -6.293  -5.096 6.696  1.00 5.07  ? 8  DG  B C6    1 
ATOM   154 O  O6    . DG  B 2 2 ? -7.313  -5.670 6.289  1.00 4.03  ? 8  DG  B O6    1 
ATOM   155 N  N1    . DG  B 2 2 ? -6.245  -3.700 6.712  1.00 5.12  ? 8  DG  B N1    1 
ATOM   156 C  C2    . DG  B 2 2 ? -5.164  -2.962 7.142  1.00 5.11  ? 8  DG  B C2    1 
ATOM   157 N  N2    . DG  B 2 2 ? -5.291  -1.629 7.089  1.00 4.91  ? 8  DG  B N2    1 
ATOM   158 N  N3    . DG  B 2 2 ? -4.034  -3.500 7.595  1.00 6.03  ? 8  DG  B N3    1 
ATOM   159 C  C4    . DG  B 2 2 ? -4.062  -4.859 7.587  1.00 6.12  ? 8  DG  B C4    1 
ATOM   160 P  P     . DC  B 2 3 ? 1.153   -1.375 7.495  1.00 17.67 ? 9  DC  B P     1 
ATOM   161 O  OP1   . DC  B 2 3 ? 2.622   -1.361 7.315  1.00 17.80 ? 9  DC  B OP1   1 
ATOM   162 O  OP2   . DC  B 2 3 ? 0.517   -0.375 8.384  1.00 15.62 ? 9  DC  B OP2   1 
ATOM   163 O  "O5'" . DC  B 2 3 ? 0.475   -1.286 6.047  1.00 15.51 ? 9  DC  B "O5'" 1 
ATOM   164 C  "C5'" . DC  B 2 3 ? 0.704   -0.148 5.218  1.00 12.61 ? 9  DC  B "C5'" 1 
ATOM   165 C  "C4'" . DC  B 2 3 ? -0.493  0.154  4.330  1.00 10.51 ? 9  DC  B "C4'" 1 
ATOM   166 O  "O4'" . DC  B 2 3 ? -1.050  -1.078 3.799  1.00 9.80  ? 9  DC  B "O4'" 1 
ATOM   167 C  "C3'" . DC  B 2 3 ? -1.643  0.895  5.009  1.00 10.26 ? 9  DC  B "C3'" 1 
ATOM   168 O  "O3'" . DC  B 2 3 ? -2.028  2.028  4.223  1.00 10.79 ? 9  DC  B "O3'" 1 
ATOM   169 C  "C2'" . DC  B 2 3 ? -2.759  -0.147 5.079  1.00 9.84  ? 9  DC  B "C2'" 1 
ATOM   170 C  "C1'" . DC  B 2 3 ? -2.460  -0.995 3.848  1.00 9.81  ? 9  DC  B "C1'" 1 
ATOM   171 N  N1    . DC  B 2 3 ? -3.066  -2.374 3.870  1.00 9.80  ? 9  DC  B N1    1 
ATOM   172 C  C2    . DC  B 2 3 ? -4.394  -2.569 3.441  1.00 9.89  ? 9  DC  B C2    1 
ATOM   173 O  O2    . DC  B 2 3 ? -5.068  -1.607 3.048  1.00 9.47  ? 9  DC  B O2    1 
ATOM   174 N  N3    . DC  B 2 3 ? -4.915  -3.825 3.469  1.00 11.10 ? 9  DC  B N3    1 
ATOM   175 C  C4    . DC  B 2 3 ? -4.176  -4.855 3.896  1.00 10.67 ? 9  DC  B C4    1 
ATOM   176 N  N4    . DC  B 2 3 ? -4.738  -6.068 3.902  1.00 9.67  ? 9  DC  B N4    1 
ATOM   177 C  C5    . DC  B 2 3 ? -2.826  -4.682 4.334  1.00 10.88 ? 9  DC  B C5    1 
ATOM   178 C  C6    . DC  B 2 3 ? -2.321  -3.440 4.304  1.00 10.78 ? 9  DC  B C6    1 
ATOM   179 P  P     . DG  B 2 4 ? -1.474  3.503  4.523  1.00 12.27 ? 10 DG  B P     1 
ATOM   180 O  OP1   . DG  B 2 4 ? -1.231  3.636  5.979  1.00 12.46 ? 10 DG  B OP1   1 
ATOM   181 O  OP2   . DG  B 2 4 ? -2.384  4.459  3.852  1.00 14.08 ? 10 DG  B OP2   1 
ATOM   182 O  "O5'" . DG  B 2 4 ? -0.048  3.520  3.794  1.00 12.53 ? 10 DG  B "O5'" 1 
ATOM   183 C  "C5'" . DG  B 2 4 ? 0.065   3.622  2.373  1.00 11.20 ? 10 DG  B "C5'" 1 
ATOM   184 C  "C4'" . DG  B 2 4 ? 1.452   3.206  1.916  1.00 10.29 ? 10 DG  B "C4'" 1 
ATOM   185 O  "O4'" . DG  B 2 4 ? 1.727   1.879  2.420  1.00 7.96  ? 10 DG  B "O4'" 1 
ATOM   186 C  "C3'" . DG  B 2 4 ? 1.646   3.134  0.405  1.00 11.89 ? 10 DG  B "C3'" 1 
ATOM   187 O  "O3'" . DG  B 2 4 ? 2.319   4.305  -0.047 1.00 15.47 ? 10 DG  B "O3'" 1 
ATOM   188 C  "C2'" . DG  B 2 4 ? 2.531   1.909  0.180  1.00 10.22 ? 10 DG  B "C2'" 1 
ATOM   189 C  "C1'" . DG  B 2 4 ? 2.553   1.173  1.520  1.00 8.33  ? 10 DG  B "C1'" 1 
ATOM   190 N  N9    . DG  B 2 4 ? 2.071   -0.207 1.460  1.00 7.84  ? 10 DG  B N9    1 
ATOM   191 C  C8    . DG  B 2 4 ? 2.794   -1.333 1.770  1.00 7.68  ? 10 DG  B C8    1 
ATOM   192 N  N7    . DG  B 2 4 ? 2.121   -2.443 1.636  1.00 8.30  ? 10 DG  B N7    1 
ATOM   193 C  C5    . DG  B 2 4 ? 0.866   -2.029 1.212  1.00 7.70  ? 10 DG  B C5    1 
ATOM   194 C  C6    . DG  B 2 4 ? -0.289  -2.791 0.901  1.00 8.30  ? 10 DG  B C6    1 
ATOM   195 O  O6    . DG  B 2 4 ? -0.424  -4.022 0.947  1.00 8.42  ? 10 DG  B O6    1 
ATOM   196 N  N1    . DG  B 2 4 ? -1.361  -1.988 0.508  1.00 8.26  ? 10 DG  B N1    1 
ATOM   197 C  C2    . DG  B 2 4 ? -1.319  -0.614 0.423  1.00 7.87  ? 10 DG  B C2    1 
ATOM   198 N  N2    . DG  B 2 4 ? -2.446  -0.006 0.026  1.00 7.54  ? 10 DG  B N2    1 
ATOM   199 N  N3    . DG  B 2 4 ? -0.243  0.112  0.712  1.00 8.69  ? 10 DG  B N3    1 
ATOM   200 C  C4    . DG  B 2 4 ? 0.814   -0.654 1.098  1.00 8.39  ? 10 DG  B C4    1 
ATOM   201 P  P     . DC  B 2 5 ? 1.701   5.294  -1.147 1.00 20.41 ? 11 DC  B P     1 
ATOM   202 O  OP1   . DC  B 2 5 ? 2.843   5.833  -1.919 1.00 21.27 ? 11 DC  B OP1   1 
ATOM   203 O  OP2   . DC  B 2 5 ? 0.785   6.222  -0.446 1.00 20.50 ? 11 DC  B OP2   1 
ATOM   204 O  "O5'" . DC  B 2 5 ? 0.845   4.366  -2.134 1.00 16.72 ? 11 DC  B "O5'" 1 
ATOM   205 C  "C5'" . DC  B 2 5 ? 0.223   4.950  -3.281 1.00 13.04 ? 11 DC  B "C5'" 1 
ATOM   206 C  "C4'" . DC  B 2 5 ? -0.830  4.038  -3.894 1.00 10.26 ? 11 DC  B "C4'" 1 
ATOM   207 O  "O4'" . DC  B 2 5 ? -0.274  2.713  -4.104 1.00 8.87  ? 11 DC  B "O4'" 1 
ATOM   208 C  "C3'" . DC  B 2 5 ? -2.100  3.852  -3.067 1.00 9.17  ? 11 DC  B "C3'" 1 
ATOM   209 O  "O3'" . DC  B 2 5 ? -3.255  4.010  -3.896 1.00 9.37  ? 11 DC  B "O3'" 1 
ATOM   210 C  "C2'" . DC  B 2 5 ? -1.978  2.428  -2.525 1.00 9.29  ? 11 DC  B "C2'" 1 
ATOM   211 C  "C1'" . DC  B 2 5 ? -1.178  1.737  -3.624 1.00 8.93  ? 11 DC  B "C1'" 1 
ATOM   212 N  N1    . DC  B 2 5 ? -0.421  0.519  -3.167 1.00 8.32  ? 11 DC  B N1    1 
ATOM   213 C  C2    . DC  B 2 5 ? -1.071  -0.727 -3.054 1.00 7.21  ? 11 DC  B C2    1 
ATOM   214 O  O2    . DC  B 2 5 ? -2.274  -0.830 -3.328 1.00 7.21  ? 11 DC  B O2    1 
ATOM   215 N  N3    . DC  B 2 5 ? -0.352  -1.805 -2.640 1.00 7.78  ? 11 DC  B N3    1 
ATOM   216 C  C4    . DC  B 2 5 ? 0.947   -1.683 -2.347 1.00 8.47  ? 11 DC  B C4    1 
ATOM   217 N  N4    . DC  B 2 5 ? 1.606   -2.773 -1.944 1.00 7.38  ? 11 DC  B N4    1 
ATOM   218 C  C5    . DC  B 2 5 ? 1.627   -0.431 -2.456 1.00 9.34  ? 11 DC  B C5    1 
ATOM   219 C  C6    . DC  B 2 5 ? 0.911   0.627  -2.864 1.00 9.20  ? 11 DC  B C6    1 
ATOM   220 P  P     . DA  B 2 6 ? -4.140  5.347  -3.869 1.00 9.32  ? 12 DA  B P     1 
ATOM   221 O  OP1   . DA  B 2 6 ? -3.832  6.102  -2.631 1.00 8.62  ? 12 DA  B OP1   1 
ATOM   222 O  OP2   . DA  B 2 6 ? -5.539  4.958  -4.154 1.00 8.89  ? 12 DA  B OP2   1 
ATOM   223 O  "O5'" . DA  B 2 6 ? -3.565  6.197  -5.099 1.00 10.41 ? 12 DA  B "O5'" 1 
ATOM   224 C  "C5'" . DA  B 2 6 ? -3.707  5.751  -6.448 1.00 12.36 ? 12 DA  B "C5'" 1 
ATOM   225 C  "C4'" . DA  B 2 6 ? -2.727  6.473  -7.356 1.00 13.96 ? 12 DA  B "C4'" 1 
ATOM   226 O  "O4'" . DA  B 2 6 ? -1.396  6.351  -6.803 1.00 13.74 ? 12 DA  B "O4'" 1 
ATOM   227 C  "C3'" . DA  B 2 6 ? -2.625  5.918  -8.770 1.00 15.17 ? 12 DA  B "C3'" 1 
ATOM   228 O  "O3'" . DA  B 2 6 ? -3.550  6.588  -9.620 1.00 17.80 ? 12 DA  B "O3'" 1 
ATOM   229 C  "C2'" . DA  B 2 6 ? -1.182  6.217  -9.173 1.00 15.75 ? 12 DA  B "C2'" 1 
ATOM   230 C  "C1'" . DA  B 2 6 ? -0.437  6.323  -7.841 1.00 16.08 ? 12 DA  B "C1'" 1 
ATOM   231 N  N9    . DA  B 2 6 ? 0.498   5.229  -7.564 1.00 17.24 ? 12 DA  B N9    1 
ATOM   232 C  C8    . DA  B 2 6 ? 1.848   5.352  -7.390 1.00 16.19 ? 12 DA  B C8    1 
ATOM   233 N  N7    . DA  B 2 6 ? 2.464   4.220  -7.146 1.00 17.25 ? 12 DA  B N7    1 
ATOM   234 C  C5    . DA  B 2 6 ? 1.446   3.283  -7.156 1.00 17.36 ? 12 DA  B C5    1 
ATOM   235 C  C6    . DA  B 2 6 ? 1.441   1.883  -6.961 1.00 17.09 ? 12 DA  B C6    1 
ATOM   236 N  N6    . DA  B 2 6 ? 2.547   1.177  -6.707 1.00 16.69 ? 12 DA  B N6    1 
ATOM   237 N  N1    . DA  B 2 6 ? 0.255   1.236  -7.035 1.00 16.91 ? 12 DA  B N1    1 
ATOM   238 C  C2    . DA  B 2 6 ? -0.854  1.946  -7.289 1.00 16.15 ? 12 DA  B C2    1 
ATOM   239 N  N3    . DA  B 2 6 ? -0.970  3.261  -7.488 1.00 17.15 ? 12 DA  B N3    1 
ATOM   240 C  C4    . DA  B 2 6 ? 0.223   3.883  -7.410 1.00 18.16 ? 12 DA  B C4    1 
ATOM   241 P  P     . DT  C 3 1 ? 14.433  10.957 -6.218 0.83 14.79 ? 13 DT  D P     1 
ATOM   242 O  OP1   . DT  C 3 1 ? 14.457  12.395 -5.867 0.83 14.36 ? 13 DT  D OP1   1 
ATOM   243 O  OP2   . DT  C 3 1 ? 13.215  10.155 -5.963 0.83 14.09 ? 13 DT  D OP2   1 
ATOM   244 O  "O5'" . DT  C 3 1 ? 15.664  10.226 -5.507 1.00 12.82 ? 13 DT  D "O5'" 1 
ATOM   245 C  "C5'" . DT  C 3 1 ? 16.310  9.133  -6.149 1.00 7.62  ? 13 DT  D "C5'" 1 
ATOM   246 C  "C4'" . DT  C 3 1 ? 16.525  7.984  -5.176 1.00 3.21  ? 13 DT  D "C4'" 1 
ATOM   247 O  "O4'" . DT  C 3 1 ? 15.262  7.311  -4.927 1.00 3.07  ? 13 DT  D "O4'" 1 
ATOM   248 C  "C3'" . DT  C 3 1 ? 17.496  6.903  -5.642 1.00 2.72  ? 13 DT  D "C3'" 1 
ATOM   249 O  "O3'" . DT  C 3 1 ? 18.299  6.472  -4.540 1.00 2.00  ? 13 DT  D "O3'" 1 
ATOM   250 C  "C2'" . DT  C 3 1 ? 16.574  5.794  -6.148 1.00 3.64  ? 13 DT  D "C2'" 1 
ATOM   251 C  "C1'" . DT  C 3 1 ? 15.380  5.928  -5.206 1.00 2.84  ? 13 DT  D "C1'" 1 
ATOM   252 N  N1    . DT  C 3 1 ? 14.078  5.403  -5.758 1.00 2.15  ? 13 DT  D N1    1 
ATOM   253 C  C2    . DT  C 3 1 ? 13.833  4.037  -5.787 1.00 2.66  ? 13 DT  D C2    1 
ATOM   254 O  O2    . DT  C 3 1 ? 14.617  3.191  -5.390 1.00 4.43  ? 13 DT  D O2    1 
ATOM   255 N  N3    . DT  C 3 1 ? 12.611  3.683  -6.310 1.00 2.09  ? 13 DT  D N3    1 
ATOM   256 C  C4    . DT  C 3 1 ? 11.627  4.532  -6.795 1.00 2.74  ? 13 DT  D C4    1 
ATOM   257 O  O4    . DT  C 3 1 ? 10.567  4.102  -7.242 1.00 2.70  ? 13 DT  D O4    1 
ATOM   258 C  C5    . DT  C 3 1 ? 11.942  5.944  -6.734 1.00 3.72  ? 13 DT  D C5    1 
ATOM   259 C  C7    . DT  C 3 1 ? 10.901  6.975  -7.062 0.17 3.37  ? 13 DT  D C7    1 
ATOM   260 C  C6    . DT  C 3 1 ? 13.132  6.301  -6.228 1.00 3.26  ? 13 DT  D C6    1 
ATOM   261 P  P     . DG  C 3 2 ? 19.865  6.160  -4.693 0.83 2.00  ? 14 DG  D P     1 
ATOM   262 O  OP1   . DG  C 3 2 ? 20.331  6.667  -6.004 0.83 2.00  ? 14 DG  D OP1   1 
ATOM   263 O  OP2   . DG  C 3 2 ? 20.067  4.735  -4.347 0.83 2.00  ? 14 DG  D OP2   1 
ATOM   264 O  "O5'" . DG  C 3 2 ? 20.530  7.053  -3.540 1.00 2.00  ? 14 DG  D "O5'" 1 
ATOM   265 C  "C5'" . DG  C 3 2 ? 20.124  6.930  -2.177 1.00 2.00  ? 14 DG  D "C5'" 1 
ATOM   266 C  "C4'" . DG  C 3 2 ? 19.693  8.279  -1.628 1.00 2.00  ? 14 DG  D "C4'" 1 
ATOM   267 O  "O4'" . DG  C 3 2 ? 18.419  8.649  -2.204 1.00 2.00  ? 14 DG  D "O4'" 1 
ATOM   268 C  "C3'" . DG  C 3 2 ? 19.517  8.344  -0.113 1.00 2.34  ? 14 DG  D "C3'" 1 
ATOM   269 O  "O3'" . DG  C 3 2 ? 20.530  9.165  0.456  1.00 5.64  ? 14 DG  D "O3'" 1 
ATOM   270 C  "C2'" . DG  C 3 2 ? 18.128  8.947  0.107  1.00 2.00  ? 14 DG  D "C2'" 1 
ATOM   271 C  "C1'" . DG  C 3 2 ? 17.719  9.448  -1.276 1.00 2.00  ? 14 DG  D "C1'" 1 
ATOM   272 N  N9    . DG  C 3 2 ? 16.290  9.331  -1.570 1.00 2.00  ? 14 DG  D N9    1 
ATOM   273 C  C8    . DG  C 3 2 ? 15.426  10.368 -1.827 1.00 2.00  ? 14 DG  D C8    1 
ATOM   274 N  N7    . DG  C 3 2 ? 14.202  9.986  -2.063 1.00 2.00  ? 14 DG  D N7    1 
ATOM   275 C  C5    . DG  C 3 2 ? 14.252  8.602  -1.960 1.00 2.00  ? 14 DG  D C5    1 
ATOM   276 C  C6    . DG  C 3 2 ? 13.225  7.636  -2.116 1.00 2.00  ? 14 DG  D C6    1 
ATOM   277 O  O6    . DG  C 3 2 ? 12.031  7.829  -2.384 1.00 2.00  ? 14 DG  D O6    1 
ATOM   278 N  N1    . DG  C 3 2 ? 13.693  6.333  -1.929 1.00 2.00  ? 14 DG  D N1    1 
ATOM   279 C  C2    . DG  C 3 2 ? 14.996  6.007  -1.626 1.00 2.00  ? 14 DG  D C2    1 
ATOM   280 N  N2    . DG  C 3 2 ? 15.269  4.702  -1.482 1.00 2.00  ? 14 DG  D N2    1 
ATOM   281 N  N3    . DG  C 3 2 ? 15.968  6.904  -1.480 1.00 2.00  ? 14 DG  D N3    1 
ATOM   282 C  C4    . DG  C 3 2 ? 15.531  8.179  -1.658 1.00 2.00  ? 14 DG  D C4    1 
ATOM   283 P  P     . DT  D 3 1 ? 8.714   -3.228 -0.875 0.83 16.63 ? 15 DT  E P     1 
ATOM   284 O  OP1   . DT  D 3 1 ? 9.616   -4.088 -0.076 0.83 18.32 ? 15 DT  E OP1   1 
ATOM   285 O  OP2   . DT  D 3 1 ? 7.624   -3.837 -1.669 0.83 14.82 ? 15 DT  E OP2   1 
ATOM   286 O  "O5'" . DT  D 3 1 ? 9.584   -2.314 -1.860 1.00 14.72 ? 15 DT  E "O5'" 1 
ATOM   287 C  "C5'" . DT  D 3 1 ? 10.462  -2.916 -2.809 1.00 13.27 ? 15 DT  E "C5'" 1 
ATOM   288 C  "C4'" . DT  D 3 1 ? 11.828  -2.247 -2.832 1.00 12.73 ? 15 DT  E "C4'" 1 
ATOM   289 O  "O4'" . DT  D 3 1 ? 11.725  -0.938 -3.453 1.00 13.18 ? 15 DT  E "O4'" 1 
ATOM   290 C  "C3'" . DT  D 3 1 ? 12.493  -2.033 -1.472 1.00 11.85 ? 15 DT  E "C3'" 1 
ATOM   291 O  "O3'" . DT  D 3 1 ? 13.841  -2.517 -1.496 1.00 11.47 ? 15 DT  E "O3'" 1 
ATOM   292 C  "C2'" . DT  D 3 1 ? 12.432  -0.518 -1.271 1.00 12.23 ? 15 DT  E "C2'" 1 
ATOM   293 C  "C1'" . DT  D 3 1 ? 12.491  -0.013 -2.708 1.00 12.21 ? 15 DT  E "C1'" 1 
ATOM   294 N  N1    . DT  D 3 1 ? 11.959  1.383  -2.922 1.00 12.53 ? 15 DT  E N1    1 
ATOM   295 C  C2    . DT  D 3 1 ? 12.714  2.482  -2.535 1.00 13.70 ? 15 DT  E C2    1 
ATOM   296 O  O2    . DT  D 3 1 ? 13.813  2.409  -2.011 1.00 14.38 ? 15 DT  E O2    1 
ATOM   297 N  N3    . DT  D 3 1 ? 12.125  3.699  -2.784 1.00 12.30 ? 15 DT  E N3    1 
ATOM   298 C  C4    . DT  D 3 1 ? 10.890  3.932  -3.370 1.00 12.26 ? 15 DT  E C4    1 
ATOM   299 O  O4    . DT  D 3 1 ? 10.463  5.071  -3.543 1.00 14.68 ? 15 DT  E O4    1 
ATOM   300 C  C5    . DT  D 3 1 ? 10.154  2.746  -3.755 1.00 11.84 ? 15 DT  E C5    1 
ATOM   301 C  C7    . DT  D 3 1 ? 8.887   2.855  -4.554 0.17 11.62 ? 15 DT  E C7    1 
ATOM   302 C  C6    . DT  D 3 1 ? 10.717  1.552  -3.514 1.00 11.57 ? 15 DT  E C6    1 
ATOM   303 P  P     . DG  D 3 2 ? 14.214  -3.997 -1.004 0.83 11.73 ? 16 DG  E P     1 
ATOM   304 O  OP1   . DG  D 3 2 ? 13.309  -4.367 0.109  0.83 8.20  ? 16 DG  E OP1   1 
ATOM   305 O  OP2   . DG  D 3 2 ? 15.677  -4.037 -0.788 0.83 11.45 ? 16 DG  E OP2   1 
ATOM   306 O  "O5'" . DG  D 3 2 ? 13.865  -4.910 -2.275 1.00 10.32 ? 16 DG  E "O5'" 1 
ATOM   307 C  "C5'" . DG  D 3 2 ? 14.636  -4.834 -3.474 1.00 10.14 ? 16 DG  E "C5'" 1 
ATOM   308 C  "C4'" . DG  D 3 2 ? 13.891  -5.458 -4.640 1.00 11.61 ? 16 DG  E "C4'" 1 
ATOM   309 O  "O4'" . DG  D 3 2 ? 12.655  -4.737 -4.850 1.00 12.29 ? 16 DG  E "O4'" 1 
ATOM   310 C  "C3'" . DG  D 3 2 ? 14.621  -5.397 -5.974 1.00 12.09 ? 16 DG  E "C3'" 1 
ATOM   311 O  "O3'" . DG  D 3 2 ? 15.387  -6.581 -6.158 1.00 13.45 ? 16 DG  E "O3'" 1 
ATOM   312 C  "C2'" . DG  D 3 2 ? 13.497  -5.304 -7.004 1.00 11.86 ? 16 DG  E "C2'" 1 
ATOM   313 C  "C1'" . DG  D 3 2 ? 12.302  -4.764 -6.219 1.00 11.92 ? 16 DG  E "C1'" 1 
ATOM   314 N  N9    . DG  D 3 2 ? 11.864  -3.422 -6.613 1.00 12.12 ? 16 DG  E N9    1 
ATOM   315 C  C8    . DG  D 3 2 ? 10.679  -3.111 -7.237 1.00 12.16 ? 16 DG  E C8    1 
ATOM   316 N  N7    . DG  D 3 2 ? 10.528  -1.839 -7.477 1.00 12.71 ? 16 DG  E N7    1 
ATOM   317 C  C5    . DG  D 3 2 ? 11.688  -1.261 -6.979 1.00 12.60 ? 16 DG  E C5    1 
ATOM   318 C  C6    . DG  D 3 2 ? 12.090  0.101  -6.957 1.00 12.05 ? 16 DG  E C6    1 
ATOM   319 O  O6    . DG  D 3 2 ? 11.476  1.085  -7.388 1.00 12.79 ? 16 DG  E O6    1 
ATOM   320 N  N1    . DG  D 3 2 ? 13.341  0.270  -6.361 1.00 11.35 ? 16 DG  E N1    1 
ATOM   321 C  C2    . DG  D 3 2 ? 14.108  -0.754 -5.849 1.00 11.63 ? 16 DG  E C2    1 
ATOM   322 N  N2    . DG  D 3 2 ? 15.286  -0.404 -5.311 0.83 12.19 ? 16 DG  E N2    1 
ATOM   323 N  N3    . DG  D 3 2 ? 13.741  -2.033 -5.863 1.00 11.75 ? 16 DG  E N3    1 
ATOM   324 C  C4    . DG  D 3 2 ? 12.524  -2.220 -6.441 1.00 12.50 ? 16 DG  E C4    1 
HETATM 325 N  N1    . NRU E 4 . ? 7.645   -1.761 -7.682 0.33 11.15 ? 17 NRU E N1    1 
HETATM 326 RU RU    . NRU E 4 . ? 7.346   0.264  -7.991 0.33 11.68 ? 17 NRU E RU    1 
HETATM 327 N  N4    . NRU E 4 . ? 5.553   0.155  -6.962 0.33 11.38 ? 17 NRU E N4    1 
HETATM 328 N  N5    . NRU E 4 . ? 6.356   -0.153 -9.761 0.33 10.78 ? 17 NRU E N5    1 
HETATM 329 N  N2    . NRU E 4 . ? 7.045   2.289  -8.300 0.33 11.05 ? 17 NRU E N2    1 
HETATM 330 N  N3    . NRU E 4 . ? 9.138   0.373  -9.019 0.33 11.01 ? 17 NRU E N3    1 
HETATM 331 N  N6    . NRU E 4 . ? 8.335   0.681  -6.221 0.33 10.92 ? 17 NRU E N6    1 
HETATM 332 O  O     . HOH F 5 . ? 1.343   -7.446 -0.528 1.00 2.00  ? 18 HOH A O     1 
HETATM 333 O  O     . HOH F 5 . ? -5.548  2.581  6.392  1.00 2.00  ? 19 HOH A O     1 
HETATM 334 O  O     . HOH F 5 . ? -8.656  -9.157 2.657  1.00 11.10 ? 21 HOH A O     1 
HETATM 335 O  O     . HOH F 5 . ? -7.899  8.542  10.214 1.00 6.66  ? 23 HOH A O     1 
HETATM 336 O  O     . HOH F 5 . ? -10.746 -3.600 -7.618 1.00 17.60 ? 28 HOH A O     1 
HETATM 337 O  O     . HOH G 5 . ? -7.741  6.827  -1.755 1.00 2.00  ? 22 HOH B O     1 
HETATM 338 O  O     . HOH G 5 . ? 4.610   1.102  8.651  1.00 9.27  ? 24 HOH B O     1 
HETATM 339 O  O     . HOH G 5 . ? -5.565  6.413  -0.132 1.00 6.84  ? 25 HOH B O     1 
HETATM 340 O  O     . HOH G 5 . ? 3.961   1.273  -4.547 1.00 10.12 ? 26 HOH B O     1 
HETATM 341 O  O     . HOH G 5 . ? -1.491  2.370  14.259 1.00 29.98 ? 27 HOH B O     1 
HETATM 342 O  O     . HOH G 5 . ? -6.571  2.246  -5.298 1.00 2.00  ? 29 HOH B O     1 
HETATM 343 O  O     . HOH H 5 . ? 15.163  1.594  0.270  1.00 2.00  ? 20 HOH E O     1 
# 
